data_2JRJ
#
_entry.id   2JRJ
#
loop_
_entity.id
_entity.type
_entity.pdbx_description
1 polymer 'Ring finger and CHY zinc finger domain containing protein 1'
2 non-polymer 'ZINC ION'
#
_entity_poly.entity_id   1
_entity_poly.type   'polypeptide(L)'
_entity_poly.pdbx_seq_one_letter_code
;ENVSQQNCPICLEDIHTSRVVAHVLPCGHLLHRTCYEEMLKEGYRCPLCMHS
;
_entity_poly.pdbx_strand_id   A
#
# COMPACT_ATOMS: atom_id res chain seq x y z
N GLU A 1 -11.46 -8.29 -14.95
CA GLU A 1 -11.32 -7.50 -13.70
C GLU A 1 -10.18 -6.51 -13.85
N ASN A 2 -10.42 -5.26 -13.45
CA ASN A 2 -9.41 -4.21 -13.58
C ASN A 2 -8.32 -4.38 -12.53
N VAL A 3 -7.34 -5.22 -12.86
CA VAL A 3 -6.22 -5.48 -11.96
C VAL A 3 -5.03 -4.58 -12.30
N SER A 4 -5.09 -3.97 -13.49
CA SER A 4 -4.05 -3.05 -13.94
C SER A 4 -4.07 -1.75 -13.12
N GLN A 5 -5.17 -1.52 -12.41
CA GLN A 5 -5.27 -0.36 -11.53
C GLN A 5 -5.24 -0.83 -10.08
N GLN A 6 -4.23 -0.36 -9.35
CA GLN A 6 -3.92 -0.88 -8.03
C GLN A 6 -4.87 -0.35 -6.96
N ASN A 7 -4.90 -1.02 -5.83
CA ASN A 7 -5.73 -0.63 -4.69
C ASN A 7 -4.97 -0.82 -3.39
N CYS A 8 -5.44 -0.19 -2.34
CA CYS A 8 -4.85 -0.36 -1.02
C CYS A 8 -5.57 -1.47 -0.25
N PRO A 9 -4.92 -2.63 -0.06
CA PRO A 9 -5.50 -3.75 0.70
C PRO A 9 -5.53 -3.45 2.21
N ILE A 10 -4.72 -2.46 2.61
CA ILE A 10 -4.60 -2.08 4.02
C ILE A 10 -5.93 -1.57 4.57
N CYS A 11 -6.81 -1.09 3.68
CA CYS A 11 -8.10 -0.55 4.12
C CYS A 11 -9.11 -0.48 2.96
N LEU A 12 -8.83 -1.23 1.87
CA LEU A 12 -9.74 -1.31 0.72
C LEU A 12 -10.00 0.07 0.08
N GLU A 13 -8.98 0.92 0.06
CA GLU A 13 -9.08 2.23 -0.60
C GLU A 13 -8.31 2.20 -1.92
N ASP A 14 -8.24 3.35 -2.58
CA ASP A 14 -7.52 3.48 -3.86
C ASP A 14 -6.02 3.63 -3.62
N ILE A 15 -5.23 3.40 -4.67
CA ILE A 15 -3.78 3.58 -4.62
C ILE A 15 -3.22 3.70 -6.04
N HIS A 16 -2.08 4.39 -6.17
CA HIS A 16 -1.44 4.59 -7.46
C HIS A 16 0.08 4.61 -7.30
N THR A 17 0.79 4.46 -8.41
CA THR A 17 2.25 4.29 -8.42
C THR A 17 3.00 5.52 -7.89
N SER A 18 2.37 6.69 -7.99
CA SER A 18 2.99 7.93 -7.51
C SER A 18 3.31 7.83 -6.02
N ARG A 19 4.61 7.82 -5.70
CA ARG A 19 5.08 7.61 -4.33
C ARG A 19 5.45 8.94 -3.66
N VAL A 20 5.00 10.04 -4.24
CA VAL A 20 5.17 11.35 -3.61
C VAL A 20 4.18 11.51 -2.47
N VAL A 21 2.98 10.96 -2.65
CA VAL A 21 1.95 10.96 -1.63
C VAL A 21 1.97 9.64 -0.86
N ALA A 22 2.02 8.54 -1.60
CA ALA A 22 2.07 7.21 -1.00
C ALA A 22 3.47 6.89 -0.49
N HIS A 23 3.56 6.58 0.80
CA HIS A 23 4.85 6.26 1.42
C HIS A 23 5.31 4.88 0.97
N VAL A 24 6.60 4.74 0.69
CA VAL A 24 7.17 3.48 0.23
C VAL A 24 7.63 2.63 1.41
N LEU A 25 7.05 1.44 1.54
CA LEU A 25 7.55 0.45 2.50
C LEU A 25 8.91 -0.06 2.03
N PRO A 26 9.79 -0.49 2.96
CA PRO A 26 11.14 -0.96 2.61
C PRO A 26 11.11 -2.25 1.79
N CYS A 27 9.93 -2.85 1.66
CA CYS A 27 9.74 -4.05 0.85
C CYS A 27 9.13 -3.68 -0.51
N GLY A 28 9.08 -2.37 -0.80
CA GLY A 28 8.73 -1.90 -2.13
C GLY A 28 7.24 -1.64 -2.35
N HIS A 29 6.44 -1.68 -1.28
CA HIS A 29 5.00 -1.46 -1.39
C HIS A 29 4.63 -0.01 -1.12
N LEU A 30 3.49 0.42 -1.64
CA LEU A 30 3.02 1.78 -1.45
C LEU A 30 1.76 1.81 -0.60
N LEU A 31 1.65 2.84 0.24
CA LEU A 31 0.46 3.08 1.06
C LEU A 31 0.42 4.55 1.48
N HIS A 32 -0.77 5.14 1.50
CA HIS A 32 -0.93 6.52 1.98
C HIS A 32 -0.37 6.67 3.39
N ARG A 33 0.03 7.90 3.73
CA ARG A 33 0.78 8.20 4.95
C ARG A 33 0.17 7.55 6.20
N THR A 34 -1.12 7.81 6.44
CA THR A 34 -1.81 7.26 7.60
C THR A 34 -1.73 5.74 7.62
N CYS A 35 -1.88 5.13 6.45
CA CYS A 35 -1.87 3.67 6.32
C CYS A 35 -0.48 3.11 6.56
N TYR A 36 0.54 3.93 6.32
CA TYR A 36 1.91 3.56 6.63
C TYR A 36 2.04 3.35 8.14
N GLU A 37 1.42 4.25 8.90
CA GLU A 37 1.38 4.13 10.35
C GLU A 37 0.57 2.90 10.74
N GLU A 38 -0.63 2.78 10.15
CA GLU A 38 -1.53 1.66 10.45
C GLU A 38 -0.84 0.31 10.25
N MET A 39 -0.19 0.17 9.10
CA MET A 39 0.48 -1.09 8.74
C MET A 39 1.68 -1.33 9.65
N LEU A 40 2.54 -0.33 9.76
CA LEU A 40 3.77 -0.44 10.53
C LEU A 40 3.45 -0.70 12.02
N LYS A 41 2.29 -0.23 12.47
CA LYS A 41 1.81 -0.53 13.82
C LYS A 41 1.78 -2.03 14.06
N GLU A 42 1.17 -2.74 13.11
CA GLU A 42 0.99 -4.18 13.23
C GLU A 42 2.31 -4.90 12.95
N GLY A 43 3.00 -4.46 11.90
CA GLY A 43 4.23 -5.11 11.48
C GLY A 43 3.98 -6.49 10.90
N TYR A 44 2.74 -6.69 10.43
CA TYR A 44 2.31 -7.98 9.92
C TYR A 44 2.87 -8.25 8.53
N ARG A 45 2.69 -9.48 8.04
CA ARG A 45 3.17 -9.87 6.72
C ARG A 45 2.49 -9.00 5.65
N CYS A 46 3.31 -8.36 4.82
CA CYS A 46 2.81 -7.44 3.80
C CYS A 46 1.98 -8.17 2.74
N PRO A 47 0.65 -7.95 2.72
CA PRO A 47 -0.26 -8.64 1.79
C PRO A 47 -0.01 -8.22 0.34
N LEU A 48 0.51 -7.00 0.14
CA LEU A 48 0.74 -6.48 -1.21
C LEU A 48 1.75 -7.36 -1.96
N CYS A 49 2.49 -8.18 -1.22
CA CYS A 49 3.47 -9.10 -1.80
C CYS A 49 2.82 -10.14 -2.71
N MET A 50 1.48 -10.25 -2.67
CA MET A 50 0.76 -11.23 -3.51
C MET A 50 0.39 -10.63 -4.86
N HIS A 51 0.43 -9.29 -4.95
CA HIS A 51 -0.02 -8.60 -6.16
C HIS A 51 1.10 -7.67 -6.67
N SER A 52 1.43 -7.81 -7.94
CA SER A 52 2.49 -7.02 -8.57
C SER A 52 2.30 -7.01 -10.08
N GLU A 1 -5.93 -6.25 -20.99
CA GLU A 1 -4.46 -6.12 -20.98
C GLU A 1 -4.06 -4.81 -20.31
N ASN A 2 -2.94 -4.84 -19.57
CA ASN A 2 -2.46 -3.69 -18.82
C ASN A 2 -3.49 -3.24 -17.78
N VAL A 3 -3.37 -3.77 -16.56
CA VAL A 3 -4.26 -3.45 -15.47
C VAL A 3 -3.51 -2.69 -14.38
N SER A 4 -2.54 -1.89 -14.79
CA SER A 4 -1.64 -1.20 -13.86
C SER A 4 -2.39 -0.13 -13.05
N GLN A 5 -3.02 -0.58 -11.97
CA GLN A 5 -3.69 0.30 -11.02
C GLN A 5 -4.00 -0.49 -9.75
N GLN A 6 -3.08 -0.42 -8.79
CA GLN A 6 -3.16 -1.23 -7.59
C GLN A 6 -4.20 -0.68 -6.62
N ASN A 7 -4.56 -1.50 -5.64
CA ASN A 7 -5.47 -1.10 -4.58
C ASN A 7 -4.84 -1.39 -3.23
N CYS A 8 -5.02 -0.47 -2.30
CA CYS A 8 -4.48 -0.60 -0.96
C CYS A 8 -5.26 -1.65 -0.16
N PRO A 9 -4.64 -2.81 0.13
CA PRO A 9 -5.31 -3.89 0.88
C PRO A 9 -5.40 -3.56 2.36
N ILE A 10 -4.61 -2.56 2.78
CA ILE A 10 -4.54 -2.14 4.17
C ILE A 10 -5.88 -1.61 4.66
N CYS A 11 -6.73 -1.15 3.74
CA CYS A 11 -8.04 -0.60 4.12
C CYS A 11 -9.03 -0.66 2.95
N LEU A 12 -8.69 -1.40 1.90
CA LEU A 12 -9.53 -1.46 0.69
C LEU A 12 -9.83 -0.05 0.16
N GLU A 13 -8.78 0.60 -0.36
CA GLU A 13 -8.85 1.95 -0.90
C GLU A 13 -7.90 2.07 -2.08
N ASP A 14 -8.25 2.86 -3.07
CA ASP A 14 -7.44 2.98 -4.28
C ASP A 14 -6.12 3.68 -3.94
N ILE A 15 -5.13 3.55 -4.82
CA ILE A 15 -3.82 4.13 -4.57
C ILE A 15 -3.18 4.62 -5.88
N HIS A 16 -2.39 5.69 -5.78
CA HIS A 16 -1.70 6.24 -6.93
C HIS A 16 -0.29 5.66 -7.03
N THR A 17 0.18 5.45 -8.25
CA THR A 17 1.52 4.93 -8.48
C THR A 17 2.57 6.02 -8.23
N SER A 18 2.11 7.28 -8.26
CA SER A 18 2.98 8.42 -8.01
C SER A 18 3.53 8.37 -6.58
N ARG A 19 4.85 8.26 -6.47
CA ARG A 19 5.53 8.11 -5.18
C ARG A 19 5.32 9.35 -4.30
N VAL A 20 5.20 10.51 -4.94
CA VAL A 20 5.12 11.78 -4.22
C VAL A 20 3.90 11.85 -3.29
N VAL A 21 2.87 11.05 -3.56
CA VAL A 21 1.62 11.11 -2.80
C VAL A 21 1.47 9.92 -1.85
N ALA A 22 2.48 9.06 -1.81
CA ALA A 22 2.42 7.85 -0.99
C ALA A 22 3.75 7.61 -0.28
N HIS A 23 3.72 6.74 0.71
CA HIS A 23 4.93 6.32 1.41
C HIS A 23 5.36 4.95 0.88
N VAL A 24 6.65 4.80 0.62
CA VAL A 24 7.18 3.55 0.10
C VAL A 24 7.71 2.67 1.24
N LEU A 25 7.18 1.47 1.34
CA LEU A 25 7.69 0.49 2.29
C LEU A 25 9.04 -0.05 1.82
N PRO A 26 9.90 -0.49 2.75
CA PRO A 26 11.24 -1.00 2.42
C PRO A 26 11.18 -2.25 1.54
N CYS A 27 10.01 -2.88 1.52
CA CYS A 27 9.78 -4.08 0.73
C CYS A 27 9.20 -3.74 -0.65
N GLY A 28 9.17 -2.44 -0.96
CA GLY A 28 8.79 -1.99 -2.30
C GLY A 28 7.29 -1.85 -2.49
N HIS A 29 6.56 -1.66 -1.39
CA HIS A 29 5.11 -1.46 -1.46
C HIS A 29 4.74 0.00 -1.27
N LEU A 30 3.57 0.38 -1.76
CA LEU A 30 3.05 1.74 -1.60
C LEU A 30 1.84 1.75 -0.67
N LEU A 31 1.76 2.80 0.13
CA LEU A 31 0.60 3.05 0.99
C LEU A 31 0.58 4.53 1.41
N HIS A 32 -0.62 5.10 1.53
CA HIS A 32 -0.77 6.48 2.01
C HIS A 32 -0.16 6.64 3.40
N ARG A 33 0.10 7.89 3.77
CA ARG A 33 0.89 8.25 4.95
C ARG A 33 0.40 7.51 6.20
N THR A 34 -0.88 7.69 6.52
CA THR A 34 -1.49 7.10 7.71
C THR A 34 -1.39 5.57 7.68
N CYS A 35 -1.79 5.00 6.55
CA CYS A 35 -1.82 3.54 6.40
C CYS A 35 -0.45 2.91 6.61
N TYR A 36 0.60 3.68 6.33
CA TYR A 36 1.97 3.24 6.60
C TYR A 36 2.11 2.87 8.07
N GLU A 37 1.71 3.80 8.92
CA GLU A 37 1.80 3.64 10.35
C GLU A 37 0.80 2.60 10.84
N GLU A 38 -0.38 2.59 10.24
CA GLU A 38 -1.43 1.64 10.60
C GLU A 38 -0.99 0.19 10.35
N MET A 39 -0.32 -0.04 9.23
CA MET A 39 0.15 -1.39 8.89
C MET A 39 1.37 -1.75 9.75
N LEU A 40 2.34 -0.85 9.77
CA LEU A 40 3.58 -1.05 10.50
C LEU A 40 3.31 -1.21 11.99
N LYS A 41 2.23 -0.57 12.45
CA LYS A 41 1.78 -0.68 13.85
C LYS A 41 1.52 -2.15 14.19
N GLU A 42 0.84 -2.83 13.29
CA GLU A 42 0.51 -4.25 13.47
C GLU A 42 1.76 -5.10 13.25
N GLY A 43 2.54 -4.74 12.24
CA GLY A 43 3.76 -5.44 11.94
C GLY A 43 3.51 -6.87 11.49
N TYR A 44 2.55 -7.04 10.58
CA TYR A 44 2.23 -8.36 10.06
C TYR A 44 2.78 -8.51 8.64
N ARG A 45 2.54 -9.68 8.04
CA ARG A 45 3.07 -9.99 6.71
C ARG A 45 2.46 -9.03 5.68
N CYS A 46 3.30 -8.27 4.99
CA CYS A 46 2.84 -7.29 4.00
C CYS A 46 1.95 -7.94 2.94
N PRO A 47 0.63 -7.65 2.98
CA PRO A 47 -0.36 -8.28 2.10
C PRO A 47 -0.14 -7.93 0.63
N LEU A 48 0.60 -6.84 0.39
CA LEU A 48 0.85 -6.40 -0.98
C LEU A 48 1.83 -7.34 -1.67
N CYS A 49 2.44 -8.23 -0.88
CA CYS A 49 3.29 -9.31 -1.41
C CYS A 49 2.43 -10.41 -2.04
N MET A 50 1.18 -10.52 -1.61
CA MET A 50 0.27 -11.57 -2.10
C MET A 50 -0.80 -10.99 -3.03
N HIS A 51 -1.07 -9.70 -2.89
CA HIS A 51 -2.05 -9.01 -3.72
C HIS A 51 -1.58 -7.60 -4.05
N SER A 52 -1.44 -7.30 -5.33
CA SER A 52 -0.89 -6.03 -5.78
C SER A 52 -1.31 -5.76 -7.24
N GLU A 1 -8.42 -2.40 -21.99
CA GLU A 1 -9.26 -2.95 -20.89
C GLU A 1 -8.53 -2.92 -19.56
N ASN A 2 -7.35 -3.54 -19.54
CA ASN A 2 -6.56 -3.72 -18.32
C ASN A 2 -6.34 -2.39 -17.61
N VAL A 3 -6.92 -2.25 -16.43
CA VAL A 3 -6.75 -1.06 -15.61
C VAL A 3 -5.28 -0.90 -15.22
N SER A 4 -4.64 0.11 -15.79
CA SER A 4 -3.22 0.34 -15.57
C SER A 4 -3.01 1.31 -14.40
N GLN A 5 -3.37 0.87 -13.19
CA GLN A 5 -3.19 1.67 -11.99
C GLN A 5 -3.24 0.77 -10.76
N GLN A 6 -2.52 1.15 -9.72
CA GLN A 6 -2.40 0.33 -8.51
C GLN A 6 -3.53 0.65 -7.52
N ASN A 7 -3.68 -0.20 -6.51
CA ASN A 7 -4.71 -0.01 -5.49
C ASN A 7 -4.19 -0.46 -4.13
N CYS A 8 -4.84 -0.01 -3.07
CA CYS A 8 -4.44 -0.31 -1.69
C CYS A 8 -5.25 -1.48 -1.12
N PRO A 9 -4.60 -2.64 -0.89
CA PRO A 9 -5.27 -3.78 -0.24
C PRO A 9 -5.37 -3.60 1.28
N ILE A 10 -4.65 -2.60 1.82
CA ILE A 10 -4.66 -2.32 3.26
C ILE A 10 -6.07 -1.99 3.73
N CYS A 11 -6.77 -1.15 2.98
CA CYS A 11 -8.12 -0.72 3.35
C CYS A 11 -9.07 -0.85 2.16
N LEU A 12 -8.64 -1.61 1.15
CA LEU A 12 -9.40 -1.76 -0.09
C LEU A 12 -9.74 -0.38 -0.66
N GLU A 13 -8.72 0.29 -1.18
CA GLU A 13 -8.84 1.69 -1.60
C GLU A 13 -7.96 1.93 -2.82
N ASP A 14 -7.89 3.17 -3.28
CA ASP A 14 -7.06 3.53 -4.43
C ASP A 14 -5.63 3.87 -4.01
N ILE A 15 -4.69 3.74 -4.94
CA ILE A 15 -3.32 4.21 -4.77
C ILE A 15 -2.77 4.62 -6.13
N HIS A 16 -2.68 5.92 -6.35
CA HIS A 16 -2.02 6.44 -7.54
C HIS A 16 -0.51 6.33 -7.38
N THR A 17 0.15 5.88 -8.44
CA THR A 17 1.58 5.55 -8.44
C THR A 17 2.47 6.67 -7.88
N SER A 18 1.93 7.89 -7.84
CA SER A 18 2.68 9.05 -7.34
C SER A 18 3.27 8.78 -5.94
N ARG A 19 4.58 8.59 -5.90
CA ARG A 19 5.30 8.29 -4.67
C ARG A 19 5.17 9.44 -3.66
N VAL A 20 4.93 10.65 -4.18
CA VAL A 20 4.76 11.83 -3.32
C VAL A 20 3.68 11.59 -2.26
N VAL A 21 2.71 10.75 -2.60
CA VAL A 21 1.62 10.43 -1.68
C VAL A 21 1.79 9.01 -1.14
N ALA A 22 2.07 8.07 -2.05
CA ALA A 22 2.22 6.67 -1.69
C ALA A 22 3.61 6.41 -1.10
N HIS A 23 3.65 6.20 0.21
CA HIS A 23 4.90 5.93 0.91
C HIS A 23 5.45 4.56 0.52
N VAL A 24 6.75 4.50 0.25
CA VAL A 24 7.40 3.27 -0.18
C VAL A 24 7.86 2.44 1.02
N LEU A 25 7.26 1.26 1.18
CA LEU A 25 7.72 0.28 2.15
C LEU A 25 9.03 -0.34 1.69
N PRO A 26 9.91 -0.71 2.64
CA PRO A 26 11.21 -1.35 2.32
C PRO A 26 11.06 -2.60 1.46
N CYS A 27 9.89 -3.24 1.54
CA CYS A 27 9.61 -4.48 0.82
C CYS A 27 9.06 -4.18 -0.58
N GLY A 28 9.04 -2.90 -0.95
CA GLY A 28 8.66 -2.51 -2.30
C GLY A 28 7.17 -2.28 -2.49
N HIS A 29 6.48 -1.98 -1.39
CA HIS A 29 5.03 -1.70 -1.45
C HIS A 29 4.77 -0.21 -1.37
N LEU A 30 3.63 0.22 -1.89
CA LEU A 30 3.18 1.60 -1.80
C LEU A 30 1.90 1.70 -0.99
N LEU A 31 1.82 2.70 -0.11
CA LEU A 31 0.61 2.97 0.66
C LEU A 31 0.61 4.40 1.21
N HIS A 32 -0.58 5.00 1.30
CA HIS A 32 -0.73 6.36 1.83
C HIS A 32 -0.21 6.45 3.27
N ARG A 33 0.12 7.67 3.68
CA ARG A 33 0.80 7.94 4.96
C ARG A 33 0.16 7.20 6.13
N THR A 34 -1.13 7.45 6.37
CA THR A 34 -1.83 6.83 7.49
C THR A 34 -1.76 5.30 7.43
N CYS A 35 -2.05 4.75 6.25
CA CYS A 35 -2.03 3.30 6.03
C CYS A 35 -0.64 2.73 6.28
N TYR A 36 0.38 3.55 6.05
CA TYR A 36 1.77 3.16 6.29
C TYR A 36 2.01 2.91 7.77
N GLU A 37 1.71 3.92 8.58
CA GLU A 37 1.96 3.87 10.01
C GLU A 37 1.19 2.74 10.67
N GLU A 38 -0.11 2.64 10.37
CA GLU A 38 -0.96 1.66 11.00
C GLU A 38 -0.49 0.23 10.75
N MET A 39 -0.13 -0.09 9.50
CA MET A 39 0.33 -1.43 9.17
C MET A 39 1.66 -1.72 9.87
N LEU A 40 2.57 -0.74 9.82
CA LEU A 40 3.89 -0.86 10.42
C LEU A 40 3.78 -0.89 11.95
N LYS A 41 2.75 -0.24 12.47
CA LYS A 41 2.49 -0.18 13.91
C LYS A 41 2.11 -1.56 14.43
N GLU A 42 1.41 -2.32 13.60
CA GLU A 42 1.08 -3.70 13.91
C GLU A 42 2.31 -4.58 13.70
N GLY A 43 2.85 -4.53 12.47
CA GLY A 43 4.07 -5.25 12.16
C GLY A 43 3.84 -6.64 11.64
N TYR A 44 2.60 -6.94 11.24
CA TYR A 44 2.27 -8.25 10.67
C TYR A 44 2.78 -8.34 9.22
N ARG A 45 2.66 -9.53 8.62
CA ARG A 45 3.13 -9.74 7.26
C ARG A 45 2.47 -8.75 6.30
N CYS A 46 3.29 -8.06 5.51
CA CYS A 46 2.78 -7.09 4.54
C CYS A 46 1.74 -7.71 3.61
N PRO A 47 0.47 -7.32 3.76
CA PRO A 47 -0.64 -7.91 3.00
C PRO A 47 -0.48 -7.71 1.49
N LEU A 48 0.24 -6.67 1.08
CA LEU A 48 0.41 -6.36 -0.33
C LEU A 48 1.21 -7.45 -1.04
N CYS A 49 1.88 -8.30 -0.25
CA CYS A 49 2.63 -9.44 -0.80
C CYS A 49 1.67 -10.54 -1.26
N MET A 50 0.53 -10.67 -0.56
CA MET A 50 -0.43 -11.76 -0.83
C MET A 50 -1.70 -11.21 -1.47
N HIS A 51 -1.92 -9.91 -1.34
CA HIS A 51 -3.14 -9.27 -1.80
C HIS A 51 -2.83 -7.99 -2.57
N SER A 52 -3.48 -7.82 -3.72
CA SER A 52 -3.34 -6.63 -4.52
C SER A 52 -4.64 -6.36 -5.28
N GLU A 1 -11.41 -7.13 -14.75
CA GLU A 1 -10.26 -7.51 -13.91
C GLU A 1 -9.35 -6.32 -13.65
N ASN A 2 -9.22 -5.94 -12.38
CA ASN A 2 -8.43 -4.76 -12.00
C ASN A 2 -7.17 -5.18 -11.23
N VAL A 3 -6.54 -6.26 -11.69
CA VAL A 3 -5.34 -6.80 -11.04
C VAL A 3 -4.12 -5.96 -11.39
N SER A 4 -4.12 -5.37 -12.58
CA SER A 4 -3.00 -4.56 -13.06
C SER A 4 -3.07 -3.15 -12.49
N GLN A 5 -4.24 -2.78 -11.98
CA GLN A 5 -4.45 -1.47 -11.39
C GLN A 5 -3.91 -1.43 -9.96
N GLN A 6 -2.99 -0.50 -9.70
CA GLN A 6 -2.44 -0.33 -8.37
C GLN A 6 -3.54 0.09 -7.40
N ASN A 7 -3.69 -0.66 -6.32
CA ASN A 7 -4.70 -0.38 -5.30
C ASN A 7 -4.21 -0.82 -3.93
N CYS A 8 -4.86 -0.30 -2.89
CA CYS A 8 -4.47 -0.58 -1.52
C CYS A 8 -5.35 -1.66 -0.90
N PRO A 9 -4.80 -2.87 -0.67
CA PRO A 9 -5.53 -3.94 0.02
C PRO A 9 -5.64 -3.67 1.52
N ILE A 10 -4.81 -2.75 2.01
CA ILE A 10 -4.78 -2.41 3.43
C ILE A 10 -6.14 -1.86 3.88
N CYS A 11 -6.90 -1.27 2.95
CA CYS A 11 -8.22 -0.72 3.28
C CYS A 11 -9.12 -0.65 2.05
N LEU A 12 -8.76 -1.41 1.00
CA LEU A 12 -9.55 -1.48 -0.23
C LEU A 12 -9.76 -0.09 -0.85
N GLU A 13 -8.71 0.74 -0.80
CA GLU A 13 -8.77 2.11 -1.32
C GLU A 13 -7.79 2.32 -2.46
N ASP A 14 -7.86 3.50 -3.08
CA ASP A 14 -7.04 3.83 -4.25
C ASP A 14 -5.55 3.93 -3.92
N ILE A 15 -4.72 3.68 -4.93
CA ILE A 15 -3.28 3.88 -4.88
C ILE A 15 -2.76 4.13 -6.30
N HIS A 16 -1.74 4.97 -6.43
CA HIS A 16 -1.12 5.27 -7.72
C HIS A 16 0.35 5.59 -7.54
N THR A 17 0.99 6.07 -8.62
CA THR A 17 2.44 6.29 -8.65
C THR A 17 2.89 7.34 -7.63
N SER A 18 1.97 8.14 -7.14
CA SER A 18 2.29 9.20 -6.17
C SER A 18 2.98 8.65 -4.92
N ARG A 19 4.31 8.74 -4.88
CA ARG A 19 5.08 8.26 -3.72
C ARG A 19 4.85 9.19 -2.52
N VAL A 20 4.58 10.46 -2.82
CA VAL A 20 4.30 11.45 -1.78
C VAL A 20 3.04 11.06 -1.02
N VAL A 21 2.06 10.53 -1.73
CA VAL A 21 0.83 10.04 -1.12
C VAL A 21 1.06 8.63 -0.58
N ALA A 22 1.35 7.71 -1.50
CA ALA A 22 1.62 6.32 -1.15
C ALA A 22 3.09 6.14 -0.77
N HIS A 23 3.33 6.12 0.54
CA HIS A 23 4.69 5.96 1.08
C HIS A 23 5.26 4.59 0.66
N VAL A 24 6.56 4.55 0.39
CA VAL A 24 7.22 3.34 -0.06
C VAL A 24 7.69 2.48 1.13
N LEU A 25 7.11 1.29 1.25
CA LEU A 25 7.54 0.31 2.25
C LEU A 25 8.95 -0.21 1.92
N PRO A 26 9.71 -0.63 2.95
CA PRO A 26 11.03 -1.25 2.76
C PRO A 26 10.95 -2.52 1.91
N CYS A 27 9.75 -3.08 1.81
CA CYS A 27 9.51 -4.30 1.06
C CYS A 27 8.94 -3.99 -0.33
N GLY A 28 9.10 -2.73 -0.76
CA GLY A 28 8.81 -2.35 -2.14
C GLY A 28 7.33 -2.13 -2.44
N HIS A 29 6.51 -1.98 -1.40
CA HIS A 29 5.07 -1.75 -1.60
C HIS A 29 4.73 -0.28 -1.36
N LEU A 30 3.61 0.16 -1.93
CA LEU A 30 3.13 1.52 -1.74
C LEU A 30 1.88 1.53 -0.86
N LEU A 31 1.81 2.50 0.06
CA LEU A 31 0.63 2.73 0.89
C LEU A 31 0.62 4.16 1.43
N HIS A 32 -0.56 4.79 1.45
CA HIS A 32 -0.70 6.17 1.94
C HIS A 32 -0.20 6.31 3.39
N ARG A 33 0.02 7.57 3.77
CA ARG A 33 0.62 7.93 5.07
C ARG A 33 0.05 7.12 6.23
N THR A 34 -1.23 7.29 6.50
CA THR A 34 -1.90 6.63 7.61
C THR A 34 -1.74 5.12 7.52
N CYS A 35 -2.00 4.58 6.32
CA CYS A 35 -1.90 3.15 6.08
C CYS A 35 -0.47 2.64 6.29
N TYR A 36 0.51 3.52 6.06
CA TYR A 36 1.91 3.19 6.30
C TYR A 36 2.17 3.03 7.79
N GLU A 37 1.79 4.04 8.55
CA GLU A 37 2.01 4.06 9.98
C GLU A 37 1.27 2.91 10.66
N GLU A 38 0.01 2.71 10.27
CA GLU A 38 -0.80 1.63 10.82
C GLU A 38 -0.18 0.26 10.55
N MET A 39 0.10 -0.03 9.28
CA MET A 39 0.64 -1.34 8.90
C MET A 39 1.95 -1.61 9.64
N LEU A 40 2.77 -0.57 9.73
CA LEU A 40 4.07 -0.66 10.37
C LEU A 40 3.93 -0.69 11.90
N LYS A 41 2.88 -0.05 12.40
CA LYS A 41 2.60 0.00 13.83
C LYS A 41 2.27 -1.40 14.35
N GLU A 42 1.33 -2.05 13.68
CA GLU A 42 1.00 -3.45 13.96
C GLU A 42 2.13 -4.35 13.51
N GLY A 43 2.82 -3.95 12.45
CA GLY A 43 3.96 -4.69 11.94
C GLY A 43 3.57 -6.08 11.47
N TYR A 44 2.41 -6.18 10.84
CA TYR A 44 1.93 -7.47 10.34
C TYR A 44 2.46 -7.73 8.92
N ARG A 45 2.01 -8.83 8.33
CA ARG A 45 2.53 -9.26 7.03
C ARG A 45 1.96 -8.40 5.91
N CYS A 46 2.76 -8.15 4.89
CA CYS A 46 2.35 -7.31 3.78
C CYS A 46 1.57 -8.09 2.73
N PRO A 47 0.24 -7.89 2.65
CA PRO A 47 -0.61 -8.58 1.67
C PRO A 47 -0.29 -8.14 0.23
N LEU A 48 0.46 -7.05 0.10
CA LEU A 48 0.85 -6.53 -1.21
C LEU A 48 1.94 -7.41 -1.84
N CYS A 49 2.44 -8.36 -1.06
CA CYS A 49 3.40 -9.35 -1.58
C CYS A 49 2.67 -10.35 -2.47
N MET A 50 1.36 -10.50 -2.22
CA MET A 50 0.51 -11.32 -3.06
C MET A 50 -0.03 -10.49 -4.22
N HIS A 51 -0.53 -9.30 -3.90
CA HIS A 51 -1.09 -8.39 -4.91
C HIS A 51 -0.13 -7.23 -5.20
N SER A 52 0.57 -7.32 -6.32
CA SER A 52 1.46 -6.27 -6.78
C SER A 52 1.07 -5.83 -8.20
N GLU A 1 -13.59 -2.09 -10.19
CA GLU A 1 -12.34 -2.80 -10.52
C GLU A 1 -11.37 -1.84 -11.22
N ASN A 2 -10.20 -1.64 -10.63
CA ASN A 2 -9.17 -0.76 -11.19
C ASN A 2 -8.09 -1.60 -11.87
N VAL A 3 -7.95 -1.43 -13.19
CA VAL A 3 -6.96 -2.16 -13.97
C VAL A 3 -5.75 -1.28 -14.28
N SER A 4 -6.01 -0.07 -14.75
CA SER A 4 -4.96 0.88 -15.09
C SER A 4 -4.60 1.73 -13.87
N GLN A 5 -5.20 1.39 -12.73
CA GLN A 5 -4.96 2.09 -11.47
C GLN A 5 -4.80 1.06 -10.35
N GLN A 6 -3.95 1.38 -9.39
CA GLN A 6 -3.71 0.48 -8.26
C GLN A 6 -4.71 0.76 -7.14
N ASN A 7 -4.96 -0.27 -6.34
CA ASN A 7 -5.82 -0.13 -5.17
C ASN A 7 -5.07 -0.59 -3.93
N CYS A 8 -5.41 -0.01 -2.80
CA CYS A 8 -4.75 -0.28 -1.53
C CYS A 8 -5.44 -1.42 -0.80
N PRO A 9 -4.81 -2.61 -0.70
CA PRO A 9 -5.40 -3.76 -0.01
C PRO A 9 -5.48 -3.55 1.50
N ILE A 10 -4.82 -2.50 1.98
CA ILE A 10 -4.81 -2.17 3.40
C ILE A 10 -6.18 -1.62 3.84
N CYS A 11 -6.96 -1.12 2.89
CA CYS A 11 -8.29 -0.55 3.21
C CYS A 11 -9.16 -0.41 1.95
N LEU A 12 -8.79 -1.10 0.88
CA LEU A 12 -9.53 -1.08 -0.40
C LEU A 12 -9.74 0.36 -0.92
N GLU A 13 -8.80 1.25 -0.62
CA GLU A 13 -8.87 2.64 -1.09
C GLU A 13 -7.95 2.87 -2.28
N ASP A 14 -7.88 4.11 -2.77
CA ASP A 14 -7.12 4.46 -3.98
C ASP A 14 -5.62 4.48 -3.73
N ILE A 15 -4.85 4.13 -4.76
CA ILE A 15 -3.40 4.28 -4.77
C ILE A 15 -2.91 4.53 -6.20
N HIS A 16 -2.20 5.64 -6.40
CA HIS A 16 -1.61 5.98 -7.69
C HIS A 16 -0.09 5.80 -7.62
N THR A 17 0.55 5.62 -8.79
CA THR A 17 1.99 5.42 -8.87
C THR A 17 2.78 6.54 -8.17
N SER A 18 2.13 7.70 -8.01
CA SER A 18 2.73 8.85 -7.33
C SER A 18 3.03 8.50 -5.87
N ARG A 19 4.30 8.19 -5.60
CA ARG A 19 4.72 7.77 -4.26
C ARG A 19 4.93 8.97 -3.34
N VAL A 20 4.38 10.12 -3.74
CA VAL A 20 4.36 11.31 -2.89
C VAL A 20 3.36 11.10 -1.74
N VAL A 21 2.17 10.62 -2.09
CA VAL A 21 1.15 10.28 -1.10
C VAL A 21 1.36 8.85 -0.60
N ALA A 22 1.72 7.98 -1.51
CA ALA A 22 1.93 6.57 -1.20
C ALA A 22 3.36 6.33 -0.70
N HIS A 23 3.52 6.19 0.61
CA HIS A 23 4.82 5.94 1.21
C HIS A 23 5.40 4.63 0.68
N VAL A 24 6.70 4.64 0.37
CA VAL A 24 7.39 3.46 -0.16
C VAL A 24 7.88 2.58 0.98
N LEU A 25 7.25 1.42 1.15
CA LEU A 25 7.71 0.42 2.11
C LEU A 25 9.06 -0.16 1.67
N PRO A 26 9.90 -0.59 2.63
CA PRO A 26 11.22 -1.18 2.32
C PRO A 26 11.11 -2.40 1.41
N CYS A 27 9.96 -3.06 1.43
CA CYS A 27 9.73 -4.28 0.67
C CYS A 27 9.15 -3.94 -0.71
N GLY A 28 9.10 -2.65 -1.03
CA GLY A 28 8.72 -2.21 -2.37
C GLY A 28 7.22 -2.05 -2.55
N HIS A 29 6.49 -1.86 -1.46
CA HIS A 29 5.04 -1.63 -1.55
C HIS A 29 4.71 -0.14 -1.38
N LEU A 30 3.57 0.26 -1.90
CA LEU A 30 3.10 1.63 -1.77
C LEU A 30 1.80 1.68 -0.96
N LEU A 31 1.73 2.64 -0.04
CA LEU A 31 0.52 2.89 0.75
C LEU A 31 0.56 4.29 1.35
N HIS A 32 -0.58 4.97 1.35
CA HIS A 32 -0.68 6.32 1.92
C HIS A 32 -0.15 6.38 3.35
N ARG A 33 0.34 7.57 3.75
CA ARG A 33 1.03 7.79 5.03
C ARG A 33 0.33 7.11 6.19
N THR A 34 -0.94 7.44 6.39
CA THR A 34 -1.74 6.90 7.48
C THR A 34 -1.69 5.37 7.48
N CYS A 35 -1.93 4.79 6.31
CA CYS A 35 -1.97 3.34 6.14
C CYS A 35 -0.59 2.72 6.40
N TYR A 36 0.46 3.48 6.10
CA TYR A 36 1.83 3.07 6.38
C TYR A 36 2.01 2.85 7.88
N GLU A 37 1.60 3.85 8.66
CA GLU A 37 1.72 3.80 10.10
C GLU A 37 0.86 2.69 10.67
N GLU A 38 -0.36 2.55 10.15
CA GLU A 38 -1.28 1.49 10.58
C GLU A 38 -0.63 0.12 10.44
N MET A 39 -0.16 -0.19 9.24
CA MET A 39 0.41 -1.50 8.94
C MET A 39 1.68 -1.74 9.73
N LEU A 40 2.52 -0.71 9.83
CA LEU A 40 3.82 -0.84 10.45
C LEU A 40 3.72 -0.96 11.98
N LYS A 41 2.68 -0.37 12.57
CA LYS A 41 2.44 -0.51 14.01
C LYS A 41 2.31 -1.98 14.37
N GLU A 42 1.51 -2.71 13.61
CA GLU A 42 1.41 -4.15 13.75
C GLU A 42 2.70 -4.81 13.27
N GLY A 43 3.25 -4.26 12.19
CA GLY A 43 4.47 -4.78 11.61
C GLY A 43 4.31 -6.19 11.08
N TYR A 44 3.05 -6.58 10.84
CA TYR A 44 2.74 -7.92 10.38
C TYR A 44 3.20 -8.11 8.93
N ARG A 45 3.08 -9.34 8.43
CA ARG A 45 3.57 -9.69 7.10
C ARG A 45 2.78 -8.94 6.03
N CYS A 46 3.51 -8.19 5.21
CA CYS A 46 2.93 -7.29 4.22
C CYS A 46 1.94 -8.00 3.29
N PRO A 47 0.63 -7.65 3.39
CA PRO A 47 -0.42 -8.27 2.58
C PRO A 47 -0.25 -8.00 1.09
N LEU A 48 0.44 -6.90 0.76
CA LEU A 48 0.62 -6.52 -0.64
C LEU A 48 1.51 -7.54 -1.36
N CYS A 49 2.19 -8.39 -0.59
CA CYS A 49 2.98 -9.49 -1.17
C CYS A 49 2.07 -10.62 -1.63
N MET A 50 0.91 -10.76 -1.00
CA MET A 50 -0.01 -11.88 -1.31
C MET A 50 -1.27 -11.40 -2.02
N HIS A 51 -1.50 -10.09 -2.00
CA HIS A 51 -2.65 -9.47 -2.65
C HIS A 51 -2.29 -8.09 -3.18
N SER A 52 -3.14 -7.54 -4.03
CA SER A 52 -2.94 -6.21 -4.57
C SER A 52 -4.29 -5.53 -4.80
N GLU A 1 -9.11 -6.00 -14.17
CA GLU A 1 -9.70 -4.65 -14.26
C GLU A 1 -10.02 -4.12 -12.86
N ASN A 2 -9.84 -2.82 -12.66
CA ASN A 2 -10.08 -2.18 -11.36
C ASN A 2 -10.24 -0.67 -11.55
N VAL A 3 -11.10 -0.05 -10.73
CA VAL A 3 -11.35 1.38 -10.79
C VAL A 3 -10.09 2.18 -10.41
N SER A 4 -9.24 1.57 -9.59
CA SER A 4 -7.98 2.18 -9.18
C SER A 4 -6.81 1.47 -9.86
N GLN A 5 -5.68 2.17 -9.99
CA GLN A 5 -4.49 1.59 -10.61
C GLN A 5 -3.95 0.45 -9.75
N GLN A 6 -3.64 0.76 -8.49
CA GLN A 6 -3.36 -0.25 -7.48
C GLN A 6 -4.30 -0.06 -6.31
N ASN A 7 -4.77 -1.17 -5.73
CA ASN A 7 -5.72 -1.10 -4.63
C ASN A 7 -5.01 -1.34 -3.30
N CYS A 8 -5.36 -0.52 -2.32
CA CYS A 8 -4.83 -0.65 -0.97
C CYS A 8 -5.59 -1.71 -0.18
N PRO A 9 -4.98 -2.89 0.09
CA PRO A 9 -5.66 -3.95 0.84
C PRO A 9 -5.82 -3.59 2.31
N ILE A 10 -5.14 -2.51 2.71
CA ILE A 10 -5.18 -2.05 4.09
C ILE A 10 -6.57 -1.47 4.42
N CYS A 11 -7.29 -0.99 3.40
CA CYS A 11 -8.59 -0.36 3.63
C CYS A 11 -9.41 -0.21 2.34
N LEU A 12 -9.10 -1.03 1.33
CA LEU A 12 -9.87 -1.03 0.07
C LEU A 12 -9.84 0.34 -0.63
N GLU A 13 -8.81 1.14 -0.35
CA GLU A 13 -8.70 2.50 -0.90
C GLU A 13 -7.80 2.50 -2.13
N ASP A 14 -7.75 3.62 -2.85
CA ASP A 14 -6.90 3.75 -4.04
C ASP A 14 -5.44 3.94 -3.67
N ILE A 15 -4.57 3.48 -4.55
CA ILE A 15 -3.14 3.71 -4.45
C ILE A 15 -2.56 3.90 -5.85
N HIS A 16 -1.92 5.03 -6.07
CA HIS A 16 -1.31 5.35 -7.35
C HIS A 16 0.21 5.21 -7.26
N THR A 17 0.85 5.05 -8.41
CA THR A 17 2.31 4.85 -8.48
C THR A 17 3.09 6.01 -7.86
N SER A 18 2.43 7.15 -7.69
CA SER A 18 3.07 8.35 -7.16
C SER A 18 3.64 8.12 -5.76
N ARG A 19 4.96 8.00 -5.66
CA ARG A 19 5.64 7.83 -4.38
C ARG A 19 5.51 9.12 -3.54
N VAL A 20 5.12 10.20 -4.19
CA VAL A 20 4.88 11.47 -3.51
C VAL A 20 3.63 11.38 -2.63
N VAL A 21 2.66 10.60 -3.08
CA VAL A 21 1.40 10.43 -2.36
C VAL A 21 1.42 9.16 -1.54
N ALA A 22 1.80 8.05 -2.19
CA ALA A 22 1.88 6.76 -1.53
C ALA A 22 3.30 6.52 -1.03
N HIS A 23 3.45 6.48 0.29
CA HIS A 23 4.73 6.23 0.92
C HIS A 23 5.25 4.85 0.53
N VAL A 24 6.48 4.78 0.04
CA VAL A 24 7.07 3.51 -0.38
C VAL A 24 7.67 2.75 0.81
N LEU A 25 7.17 1.54 1.02
CA LEU A 25 7.69 0.64 2.04
C LEU A 25 9.04 0.07 1.60
N PRO A 26 9.90 -0.32 2.58
CA PRO A 26 11.21 -0.93 2.28
C PRO A 26 11.09 -2.25 1.52
N CYS A 27 9.86 -2.77 1.42
CA CYS A 27 9.59 -4.02 0.72
C CYS A 27 8.89 -3.74 -0.61
N GLY A 28 8.98 -2.48 -1.07
CA GLY A 28 8.59 -2.12 -2.42
C GLY A 28 7.14 -1.66 -2.57
N HIS A 29 6.31 -1.90 -1.57
CA HIS A 29 4.88 -1.61 -1.68
C HIS A 29 4.58 -0.14 -1.41
N LEU A 30 3.47 0.32 -1.93
CA LEU A 30 3.01 1.69 -1.71
C LEU A 30 1.78 1.70 -0.81
N LEU A 31 1.68 2.73 0.03
CA LEU A 31 0.50 2.96 0.88
C LEU A 31 0.45 4.44 1.28
N HIS A 32 -0.74 4.95 1.54
CA HIS A 32 -0.90 6.36 1.93
C HIS A 32 -0.36 6.61 3.34
N ARG A 33 -0.31 7.90 3.70
CA ARG A 33 0.30 8.36 4.95
C ARG A 33 -0.13 7.53 6.17
N THR A 34 -1.41 7.63 6.52
CA THR A 34 -1.92 6.97 7.71
C THR A 34 -1.74 5.45 7.61
N CYS A 35 -2.06 4.91 6.43
CA CYS A 35 -2.00 3.47 6.21
C CYS A 35 -0.59 2.92 6.35
N TYR A 36 0.40 3.80 6.16
CA TYR A 36 1.80 3.44 6.39
C TYR A 36 1.99 3.07 7.85
N GLU A 37 1.51 3.94 8.73
CA GLU A 37 1.65 3.74 10.17
C GLU A 37 0.80 2.56 10.63
N GLU A 38 -0.41 2.45 10.08
CA GLU A 38 -1.34 1.38 10.47
C GLU A 38 -0.72 0.00 10.26
N MET A 39 -0.19 -0.24 9.08
CA MET A 39 0.39 -1.55 8.76
C MET A 39 1.67 -1.78 9.54
N LEU A 40 2.57 -0.80 9.49
CA LEU A 40 3.88 -0.91 10.13
C LEU A 40 3.74 -1.07 11.66
N LYS A 41 2.72 -0.42 12.22
CA LYS A 41 2.46 -0.50 13.65
C LYS A 41 2.31 -1.94 14.09
N GLU A 42 1.50 -2.70 13.35
CA GLU A 42 1.31 -4.12 13.61
C GLU A 42 2.59 -4.89 13.31
N GLY A 43 3.22 -4.57 12.18
CA GLY A 43 4.47 -5.21 11.79
C GLY A 43 4.28 -6.62 11.28
N TYR A 44 3.05 -6.94 10.87
CA TYR A 44 2.74 -8.25 10.31
C TYR A 44 3.20 -8.32 8.85
N ARG A 45 3.03 -9.49 8.22
CA ARG A 45 3.43 -9.67 6.83
C ARG A 45 2.61 -8.75 5.93
N CYS A 46 3.31 -7.87 5.22
CA CYS A 46 2.68 -6.94 4.28
C CYS A 46 1.76 -7.68 3.31
N PRO A 47 0.43 -7.43 3.38
CA PRO A 47 -0.56 -8.10 2.53
C PRO A 47 -0.34 -7.74 1.06
N LEU A 48 0.39 -6.67 0.82
CA LEU A 48 0.69 -6.21 -0.53
C LEU A 48 1.77 -7.10 -1.16
N CYS A 49 2.27 -8.06 -0.38
CA CYS A 49 3.17 -9.09 -0.90
C CYS A 49 2.35 -10.09 -1.73
N MET A 50 1.03 -10.06 -1.54
CA MET A 50 0.10 -10.89 -2.30
C MET A 50 -0.64 -10.04 -3.33
N HIS A 51 -0.41 -8.72 -3.30
CA HIS A 51 -1.03 -7.79 -4.22
C HIS A 51 -0.05 -6.67 -4.58
N SER A 52 0.64 -6.83 -5.69
CA SER A 52 1.62 -5.87 -6.16
C SER A 52 1.74 -5.97 -7.68
N GLU A 1 -7.39 -1.34 -22.35
CA GLU A 1 -7.37 -0.57 -21.08
C GLU A 1 -5.95 -0.45 -20.55
N ASN A 2 -5.80 0.19 -19.39
CA ASN A 2 -4.53 0.30 -18.70
C ASN A 2 -4.78 0.64 -17.23
N VAL A 3 -5.38 -0.31 -16.51
CA VAL A 3 -5.70 -0.11 -15.10
C VAL A 3 -4.50 -0.46 -14.21
N SER A 4 -3.49 0.39 -14.24
CA SER A 4 -2.33 0.22 -13.37
C SER A 4 -2.66 0.81 -11.99
N GLN A 5 -3.26 -0.01 -11.15
CA GLN A 5 -3.73 0.44 -9.84
C GLN A 5 -3.39 -0.59 -8.77
N GLN A 6 -2.49 -0.21 -7.86
CA GLN A 6 -2.12 -1.06 -6.73
C GLN A 6 -3.02 -0.76 -5.55
N ASN A 7 -4.21 -1.35 -5.55
CA ASN A 7 -5.20 -1.05 -4.53
C ASN A 7 -4.69 -1.42 -3.14
N CYS A 8 -4.98 -0.56 -2.18
CA CYS A 8 -4.55 -0.78 -0.80
C CYS A 8 -5.31 -1.92 -0.14
N PRO A 9 -4.64 -3.05 0.12
CA PRO A 9 -5.24 -4.17 0.86
C PRO A 9 -5.32 -3.85 2.35
N ILE A 10 -4.61 -2.80 2.75
CA ILE A 10 -4.53 -2.41 4.16
C ILE A 10 -5.90 -1.95 4.67
N CYS A 11 -6.76 -1.44 3.77
CA CYS A 11 -8.08 -0.94 4.17
C CYS A 11 -9.01 -0.75 2.97
N LEU A 12 -8.69 -1.42 1.85
CA LEU A 12 -9.47 -1.29 0.62
C LEU A 12 -9.55 0.18 0.18
N GLU A 13 -8.59 0.61 -0.62
CA GLU A 13 -8.53 2.00 -1.13
C GLU A 13 -7.71 2.07 -2.41
N ASP A 14 -7.74 3.23 -3.03
CA ASP A 14 -6.93 3.51 -4.21
C ASP A 14 -5.51 3.92 -3.82
N ILE A 15 -4.55 3.52 -4.65
CA ILE A 15 -3.17 3.94 -4.51
C ILE A 15 -2.59 4.24 -5.89
N HIS A 16 -2.30 5.53 -6.13
CA HIS A 16 -1.74 5.96 -7.40
C HIS A 16 -0.24 5.69 -7.42
N THR A 17 0.32 5.46 -8.61
CA THR A 17 1.73 5.14 -8.77
C THR A 17 2.66 6.23 -8.20
N SER A 18 2.12 7.42 -7.99
CA SER A 18 2.88 8.54 -7.44
C SER A 18 3.29 8.25 -5.99
N ARG A 19 4.52 7.78 -5.81
CA ARG A 19 5.04 7.45 -4.48
C ARG A 19 5.45 8.70 -3.71
N VAL A 20 5.08 9.87 -4.24
CA VAL A 20 5.27 11.12 -3.53
C VAL A 20 4.24 11.23 -2.41
N VAL A 21 2.99 10.91 -2.73
CA VAL A 21 1.90 10.93 -1.76
C VAL A 21 1.83 9.58 -1.04
N ALA A 22 1.92 8.49 -1.80
CA ALA A 22 1.90 7.16 -1.24
C ALA A 22 3.29 6.80 -0.71
N HIS A 23 3.40 6.65 0.61
CA HIS A 23 4.68 6.34 1.25
C HIS A 23 5.20 4.99 0.75
N VAL A 24 6.46 4.97 0.35
CA VAL A 24 7.09 3.75 -0.13
C VAL A 24 7.67 2.94 1.03
N LEU A 25 7.19 1.71 1.16
CA LEU A 25 7.74 0.75 2.13
C LEU A 25 9.07 0.22 1.63
N PRO A 26 9.95 -0.21 2.55
CA PRO A 26 11.27 -0.75 2.18
C PRO A 26 11.14 -2.07 1.41
N CYS A 27 9.97 -2.70 1.52
CA CYS A 27 9.71 -3.96 0.84
C CYS A 27 9.10 -3.72 -0.55
N GLY A 28 9.10 -2.44 -0.96
CA GLY A 28 8.72 -2.10 -2.33
C GLY A 28 7.24 -1.91 -2.53
N HIS A 29 6.49 -1.69 -1.44
CA HIS A 29 5.05 -1.44 -1.55
C HIS A 29 4.74 0.03 -1.36
N LEU A 30 3.58 0.46 -1.87
CA LEU A 30 3.10 1.82 -1.68
C LEU A 30 1.83 1.81 -0.83
N LEU A 31 1.69 2.84 0.01
CA LEU A 31 0.49 3.03 0.82
C LEU A 31 0.37 4.48 1.28
N HIS A 32 -0.86 4.96 1.41
CA HIS A 32 -1.09 6.31 1.93
C HIS A 32 -0.47 6.46 3.32
N ARG A 33 -0.09 7.70 3.65
CA ARG A 33 0.70 8.00 4.84
C ARG A 33 0.15 7.32 6.10
N THR A 34 -1.12 7.61 6.41
CA THR A 34 -1.77 7.06 7.60
C THR A 34 -1.65 5.52 7.64
N CYS A 35 -1.81 4.90 6.49
CA CYS A 35 -1.82 3.44 6.38
C CYS A 35 -0.42 2.88 6.59
N TYR A 36 0.60 3.69 6.29
CA TYR A 36 1.98 3.31 6.57
C TYR A 36 2.15 3.10 8.06
N GLU A 37 1.62 4.05 8.83
CA GLU A 37 1.65 3.96 10.28
C GLU A 37 0.88 2.72 10.75
N GLU A 38 -0.35 2.57 10.25
CA GLU A 38 -1.22 1.47 10.66
C GLU A 38 -0.55 0.11 10.46
N MET A 39 -0.10 -0.14 9.23
CA MET A 39 0.48 -1.43 8.88
C MET A 39 1.76 -1.68 9.67
N LEU A 40 2.61 -0.66 9.76
CA LEU A 40 3.90 -0.77 10.44
C LEU A 40 3.68 -1.03 11.93
N LYS A 41 2.61 -0.46 12.49
CA LYS A 41 2.26 -0.69 13.89
C LYS A 41 1.81 -2.13 14.11
N GLU A 42 0.88 -2.58 13.27
CA GLU A 42 0.35 -3.94 13.35
C GLU A 42 1.45 -4.98 13.10
N GLY A 43 2.44 -4.59 12.30
CA GLY A 43 3.60 -5.42 12.07
C GLY A 43 3.26 -6.77 11.44
N TYR A 44 2.13 -6.83 10.76
CA TYR A 44 1.70 -8.07 10.10
C TYR A 44 2.33 -8.20 8.71
N ARG A 45 2.19 -9.37 8.11
CA ARG A 45 2.73 -9.62 6.77
C ARG A 45 2.15 -8.64 5.76
N CYS A 46 3.02 -7.96 5.02
CA CYS A 46 2.60 -7.02 4.00
C CYS A 46 1.77 -7.71 2.90
N PRO A 47 0.44 -7.49 2.89
CA PRO A 47 -0.48 -8.20 1.99
C PRO A 47 -0.23 -7.84 0.52
N LEU A 48 0.47 -6.73 0.29
CA LEU A 48 0.79 -6.29 -1.07
C LEU A 48 1.80 -7.26 -1.70
N CYS A 49 2.46 -8.05 -0.86
CA CYS A 49 3.37 -9.11 -1.35
C CYS A 49 2.57 -10.19 -2.08
N MET A 50 1.26 -10.21 -1.86
CA MET A 50 0.37 -11.15 -2.53
C MET A 50 -0.14 -10.55 -3.85
N HIS A 51 0.10 -9.26 -4.04
CA HIS A 51 -0.35 -8.56 -5.24
C HIS A 51 0.80 -7.81 -5.90
N SER A 52 1.37 -8.41 -6.94
CA SER A 52 2.42 -7.78 -7.72
C SER A 52 1.79 -6.92 -8.83
N GLU A 1 -6.33 -7.09 -20.89
CA GLU A 1 -6.20 -5.95 -19.96
C GLU A 1 -5.42 -6.33 -18.72
N ASN A 2 -4.99 -5.31 -17.99
CA ASN A 2 -4.44 -5.48 -16.66
C ASN A 2 -4.58 -4.16 -15.90
N VAL A 3 -5.14 -4.25 -14.69
CA VAL A 3 -5.42 -3.06 -13.89
C VAL A 3 -4.13 -2.46 -13.32
N SER A 4 -3.76 -1.30 -13.84
CA SER A 4 -2.59 -0.57 -13.37
C SER A 4 -2.91 0.22 -12.10
N GLN A 5 -4.15 0.69 -12.01
CA GLN A 5 -4.63 1.42 -10.85
C GLN A 5 -4.68 0.49 -9.64
N GLN A 6 -3.71 0.66 -8.74
CA GLN A 6 -3.55 -0.24 -7.61
C GLN A 6 -4.57 0.05 -6.51
N ASN A 7 -5.01 -0.99 -5.82
CA ASN A 7 -5.90 -0.83 -4.68
C ASN A 7 -5.15 -1.08 -3.38
N CYS A 8 -5.47 -0.30 -2.36
CA CYS A 8 -4.82 -0.39 -1.07
C CYS A 8 -5.48 -1.45 -0.19
N PRO A 9 -4.78 -2.57 0.09
CA PRO A 9 -5.33 -3.64 0.94
C PRO A 9 -5.55 -3.17 2.37
N ILE A 10 -4.88 -2.07 2.72
CA ILE A 10 -4.87 -1.55 4.08
C ILE A 10 -6.18 -0.83 4.44
N CYS A 11 -7.02 -0.55 3.43
CA CYS A 11 -8.31 0.13 3.68
C CYS A 11 -9.19 0.18 2.42
N LEU A 12 -8.92 -0.69 1.44
CA LEU A 12 -9.74 -0.78 0.22
C LEU A 12 -9.78 0.54 -0.58
N GLU A 13 -8.85 1.45 -0.29
CA GLU A 13 -8.83 2.76 -0.93
C GLU A 13 -7.85 2.78 -2.11
N ASP A 14 -7.86 3.88 -2.86
CA ASP A 14 -7.04 4.01 -4.06
C ASP A 14 -5.55 4.11 -3.75
N ILE A 15 -4.73 3.68 -4.71
CA ILE A 15 -3.28 3.85 -4.66
C ILE A 15 -2.74 3.97 -6.09
N HIS A 16 -1.90 4.97 -6.31
CA HIS A 16 -1.25 5.17 -7.60
C HIS A 16 0.26 4.98 -7.46
N THR A 17 0.96 4.90 -8.60
CA THR A 17 2.40 4.61 -8.61
C THR A 17 3.21 5.78 -8.05
N SER A 18 2.59 6.95 -7.98
CA SER A 18 3.23 8.13 -7.43
C SER A 18 3.41 7.99 -5.91
N ARG A 19 4.62 8.31 -5.42
CA ARG A 19 4.95 8.14 -4.00
C ARG A 19 4.79 9.46 -3.24
N VAL A 20 4.19 10.45 -3.89
CA VAL A 20 3.97 11.75 -3.28
C VAL A 20 3.12 11.60 -2.01
N VAL A 21 2.01 10.89 -2.13
CA VAL A 21 1.13 10.60 -1.00
C VAL A 21 1.38 9.18 -0.50
N ALA A 22 1.71 8.29 -1.43
CA ALA A 22 1.94 6.88 -1.11
C ALA A 22 3.39 6.64 -0.68
N HIS A 23 3.59 6.44 0.62
CA HIS A 23 4.91 6.13 1.16
C HIS A 23 5.35 4.76 0.64
N VAL A 24 6.58 4.68 0.14
CA VAL A 24 7.11 3.44 -0.39
C VAL A 24 7.81 2.63 0.71
N LEU A 25 7.26 1.46 1.04
CA LEU A 25 7.87 0.55 1.99
C LEU A 25 9.21 0.05 1.45
N PRO A 26 10.15 -0.33 2.35
CA PRO A 26 11.47 -0.83 1.94
C PRO A 26 11.36 -2.18 1.22
N CYS A 27 10.16 -2.77 1.29
CA CYS A 27 9.89 -4.06 0.66
C CYS A 27 9.22 -3.84 -0.71
N GLY A 28 9.20 -2.59 -1.17
CA GLY A 28 8.75 -2.27 -2.52
C GLY A 28 7.25 -2.08 -2.68
N HIS A 29 6.56 -1.86 -1.56
CA HIS A 29 5.10 -1.63 -1.61
C HIS A 29 4.77 -0.15 -1.43
N LEU A 30 3.60 0.26 -1.92
CA LEU A 30 3.13 1.62 -1.75
C LEU A 30 1.89 1.66 -0.85
N LEU A 31 1.88 2.61 0.07
CA LEU A 31 0.72 2.90 0.93
C LEU A 31 0.78 4.35 1.39
N HIS A 32 -0.36 5.04 1.37
CA HIS A 32 -0.41 6.46 1.75
C HIS A 32 0.10 6.68 3.18
N ARG A 33 0.41 7.95 3.46
CA ARG A 33 1.04 8.40 4.71
C ARG A 33 0.52 7.64 5.94
N THR A 34 -0.73 7.86 6.30
CA THR A 34 -1.30 7.29 7.52
C THR A 34 -1.33 5.76 7.45
N CYS A 35 -1.58 5.23 6.26
CA CYS A 35 -1.69 3.79 6.08
C CYS A 35 -0.35 3.10 6.29
N TYR A 36 0.73 3.84 6.09
CA TYR A 36 2.08 3.36 6.40
C TYR A 36 2.17 3.02 7.88
N GLU A 37 1.63 3.91 8.70
CA GLU A 37 1.58 3.72 10.13
C GLU A 37 0.70 2.51 10.47
N GLU A 38 -0.49 2.47 9.88
CA GLU A 38 -1.46 1.42 10.18
C GLU A 38 -0.85 0.03 9.99
N MET A 39 -0.35 -0.24 8.78
CA MET A 39 0.16 -1.57 8.45
C MET A 39 1.36 -1.92 9.32
N LEU A 40 2.29 -0.98 9.41
CA LEU A 40 3.55 -1.19 10.13
C LEU A 40 3.31 -1.47 11.61
N LYS A 41 2.32 -0.80 12.20
CA LYS A 41 2.01 -0.97 13.62
C LYS A 41 1.35 -2.34 13.87
N GLU A 42 0.53 -2.77 12.91
CA GLU A 42 -0.12 -4.08 13.00
C GLU A 42 0.91 -5.20 13.11
N GLY A 43 2.07 -4.99 12.49
CA GLY A 43 3.20 -5.88 12.65
C GLY A 43 3.10 -7.16 11.83
N TYR A 44 1.98 -7.37 11.14
CA TYR A 44 1.81 -8.57 10.33
C TYR A 44 2.67 -8.48 9.06
N ARG A 45 2.82 -9.61 8.37
CA ARG A 45 3.56 -9.64 7.11
C ARG A 45 2.83 -8.82 6.06
N CYS A 46 3.58 -8.01 5.32
CA CYS A 46 3.01 -7.14 4.29
C CYS A 46 2.14 -7.91 3.29
N PRO A 47 0.80 -7.72 3.34
CA PRO A 47 -0.13 -8.43 2.45
C PRO A 47 0.06 -8.03 0.98
N LEU A 48 0.73 -6.88 0.77
CA LEU A 48 0.98 -6.40 -0.58
C LEU A 48 2.02 -7.28 -1.27
N CYS A 49 2.63 -8.19 -0.51
CA CYS A 49 3.55 -9.18 -1.06
C CYS A 49 2.77 -10.21 -1.88
N MET A 50 1.48 -10.32 -1.59
CA MET A 50 0.58 -11.24 -2.29
C MET A 50 -0.32 -10.46 -3.24
N HIS A 51 -0.03 -9.18 -3.41
CA HIS A 51 -0.89 -8.28 -4.18
C HIS A 51 -0.11 -7.06 -4.66
N SER A 52 0.36 -7.13 -5.90
CA SER A 52 1.06 -6.02 -6.54
C SER A 52 0.81 -6.03 -8.05
N GLU A 1 -12.30 -5.64 -14.48
CA GLU A 1 -12.52 -4.24 -14.88
C GLU A 1 -12.67 -3.35 -13.64
N ASN A 2 -11.83 -2.32 -13.56
CA ASN A 2 -11.86 -1.37 -12.45
C ASN A 2 -10.82 -0.28 -12.69
N VAL A 3 -11.25 0.98 -12.62
CA VAL A 3 -10.36 2.12 -12.84
C VAL A 3 -9.50 2.36 -11.59
N SER A 4 -8.34 1.70 -11.56
CA SER A 4 -7.39 1.88 -10.47
C SER A 4 -6.06 1.22 -10.85
N GLN A 5 -5.00 2.04 -10.91
CA GLN A 5 -3.66 1.55 -11.25
C GLN A 5 -3.20 0.59 -10.16
N GLN A 6 -3.45 0.99 -8.92
CA GLN A 6 -3.18 0.15 -7.75
C GLN A 6 -4.31 0.35 -6.73
N ASN A 7 -4.39 -0.56 -5.77
CA ASN A 7 -5.41 -0.51 -4.74
C ASN A 7 -4.80 -0.82 -3.38
N CYS A 8 -5.38 -0.25 -2.35
CA CYS A 8 -4.90 -0.45 -0.99
C CYS A 8 -5.70 -1.56 -0.29
N PRO A 9 -5.09 -2.72 -0.02
CA PRO A 9 -5.75 -3.79 0.74
C PRO A 9 -5.96 -3.40 2.20
N ILE A 10 -5.16 -2.42 2.64
CA ILE A 10 -5.18 -1.96 4.02
C ILE A 10 -6.54 -1.35 4.39
N CYS A 11 -7.27 -0.83 3.38
CA CYS A 11 -8.57 -0.22 3.63
C CYS A 11 -9.37 -0.01 2.32
N LEU A 12 -9.05 -0.84 1.31
CA LEU A 12 -9.76 -0.83 0.02
C LEU A 12 -9.79 0.55 -0.65
N GLU A 13 -8.84 1.41 -0.27
CA GLU A 13 -8.77 2.77 -0.81
C GLU A 13 -7.85 2.84 -2.01
N ASP A 14 -7.99 3.91 -2.78
CA ASP A 14 -7.18 4.13 -3.98
C ASP A 14 -5.69 4.26 -3.66
N ILE A 15 -4.85 3.89 -4.62
CA ILE A 15 -3.42 4.07 -4.55
C ILE A 15 -2.85 4.29 -5.95
N HIS A 16 -2.15 5.40 -6.13
CA HIS A 16 -1.48 5.69 -7.40
C HIS A 16 0.03 5.46 -7.26
N THR A 17 0.74 5.53 -8.38
CA THR A 17 2.17 5.21 -8.40
C THR A 17 3.01 6.28 -7.70
N SER A 18 2.43 7.48 -7.54
CA SER A 18 3.11 8.59 -6.90
C SER A 18 3.56 8.22 -5.47
N ARG A 19 4.85 8.02 -5.30
CA ARG A 19 5.42 7.57 -4.03
C ARG A 19 5.67 8.73 -3.06
N VAL A 20 5.21 9.91 -3.42
CA VAL A 20 5.29 11.07 -2.53
C VAL A 20 4.13 11.03 -1.52
N VAL A 21 2.96 10.64 -2.00
CA VAL A 21 1.78 10.50 -1.16
C VAL A 21 1.65 9.05 -0.67
N ALA A 22 1.85 8.11 -1.58
CA ALA A 22 1.85 6.69 -1.25
C ALA A 22 3.25 6.28 -0.82
N HIS A 23 3.47 6.24 0.49
CA HIS A 23 4.79 5.93 1.04
C HIS A 23 5.26 4.57 0.56
N VAL A 24 6.46 4.53 -0.01
CA VAL A 24 7.04 3.29 -0.50
C VAL A 24 7.68 2.50 0.64
N LEU A 25 7.11 1.33 0.93
CA LEU A 25 7.68 0.42 1.91
C LEU A 25 9.03 -0.11 1.43
N PRO A 26 9.93 -0.49 2.35
CA PRO A 26 11.26 -1.00 1.99
C PRO A 26 11.16 -2.38 1.35
N CYS A 27 9.95 -2.90 1.29
CA CYS A 27 9.67 -4.19 0.68
C CYS A 27 8.99 -4.01 -0.68
N GLY A 28 8.96 -2.76 -1.17
CA GLY A 28 8.53 -2.49 -2.54
C GLY A 28 7.03 -2.27 -2.71
N HIS A 29 6.31 -2.05 -1.62
CA HIS A 29 4.86 -1.79 -1.70
C HIS A 29 4.56 -0.31 -1.50
N LEU A 30 3.42 0.14 -2.02
CA LEU A 30 2.97 1.52 -1.85
C LEU A 30 1.71 1.58 -0.98
N LEU A 31 1.67 2.56 -0.07
CA LEU A 31 0.49 2.83 0.76
C LEU A 31 0.51 4.27 1.25
N HIS A 32 -0.66 4.90 1.28
CA HIS A 32 -0.78 6.30 1.73
C HIS A 32 -0.20 6.48 3.15
N ARG A 33 0.12 7.74 3.46
CA ARG A 33 0.84 8.12 4.70
C ARG A 33 0.32 7.38 5.93
N THR A 34 -0.92 7.64 6.32
CA THR A 34 -1.47 7.10 7.55
C THR A 34 -1.51 5.58 7.50
N CYS A 35 -1.83 5.03 6.34
CA CYS A 35 -1.89 3.57 6.17
C CYS A 35 -0.51 2.94 6.32
N TYR A 36 0.54 3.72 6.02
CA TYR A 36 1.92 3.29 6.24
C TYR A 36 2.15 3.09 7.73
N GLU A 37 1.74 4.09 8.51
CA GLU A 37 1.88 4.04 9.96
C GLU A 37 1.06 2.87 10.53
N GLU A 38 -0.16 2.70 10.02
CA GLU A 38 -1.03 1.62 10.46
C GLU A 38 -0.40 0.26 10.25
N MET A 39 -0.01 -0.04 9.01
CA MET A 39 0.53 -1.37 8.68
C MET A 39 1.80 -1.64 9.47
N LEU A 40 2.68 -0.64 9.53
CA LEU A 40 3.94 -0.76 10.24
C LEU A 40 3.70 -0.89 11.75
N LYS A 41 2.62 -0.27 12.22
CA LYS A 41 2.22 -0.36 13.63
C LYS A 41 1.72 -1.77 13.96
N GLU A 42 0.94 -2.33 13.05
CA GLU A 42 0.44 -3.70 13.22
C GLU A 42 1.60 -4.68 13.18
N GLY A 43 2.57 -4.39 12.29
CA GLY A 43 3.77 -5.20 12.19
C GLY A 43 3.51 -6.62 11.73
N TYR A 44 2.59 -6.78 10.79
CA TYR A 44 2.24 -8.10 10.27
C TYR A 44 2.80 -8.30 8.87
N ARG A 45 2.58 -9.49 8.31
CA ARG A 45 3.07 -9.83 6.98
C ARG A 45 2.40 -8.94 5.94
N CYS A 46 3.19 -8.16 5.21
CA CYS A 46 2.68 -7.25 4.19
C CYS A 46 1.83 -7.99 3.16
N PRO A 47 0.50 -7.80 3.19
CA PRO A 47 -0.43 -8.53 2.31
C PRO A 47 -0.20 -8.20 0.83
N LEU A 48 0.44 -7.05 0.59
CA LEU A 48 0.72 -6.60 -0.77
C LEU A 48 1.78 -7.50 -1.41
N CYS A 49 2.42 -8.34 -0.61
CA CYS A 49 3.40 -9.30 -1.11
C CYS A 49 2.71 -10.37 -1.96
N MET A 50 1.40 -10.49 -1.78
CA MET A 50 0.58 -11.41 -2.57
C MET A 50 -0.19 -10.61 -3.62
N HIS A 51 0.28 -9.41 -3.92
CA HIS A 51 -0.38 -8.51 -4.85
C HIS A 51 0.64 -7.80 -5.74
N SER A 52 0.32 -7.74 -7.03
CA SER A 52 1.13 -7.01 -8.01
C SER A 52 0.20 -6.43 -9.08
N GLU A 1 -15.28 -3.86 -9.51
CA GLU A 1 -14.00 -3.22 -9.91
C GLU A 1 -14.03 -1.74 -9.61
N ASN A 2 -12.86 -1.14 -9.49
CA ASN A 2 -12.74 0.29 -9.21
C ASN A 2 -11.47 0.83 -9.86
N VAL A 3 -11.58 2.00 -10.49
CA VAL A 3 -10.45 2.61 -11.18
C VAL A 3 -9.30 2.89 -10.21
N SER A 4 -8.22 2.13 -10.34
CA SER A 4 -7.06 2.26 -9.48
C SER A 4 -5.84 1.58 -10.11
N GLN A 5 -4.65 2.13 -9.89
CA GLN A 5 -3.42 1.51 -10.39
C GLN A 5 -3.11 0.27 -9.55
N GLN A 6 -2.82 0.51 -8.28
CA GLN A 6 -2.60 -0.56 -7.32
C GLN A 6 -3.66 -0.46 -6.23
N ASN A 7 -4.05 -1.58 -5.66
CA ASN A 7 -5.08 -1.58 -4.62
C ASN A 7 -4.44 -1.63 -3.24
N CYS A 8 -5.00 -0.88 -2.31
CA CYS A 8 -4.55 -0.92 -0.92
C CYS A 8 -5.36 -1.96 -0.14
N PRO A 9 -4.75 -3.10 0.23
CA PRO A 9 -5.42 -4.12 1.04
C PRO A 9 -5.56 -3.66 2.49
N ILE A 10 -4.85 -2.57 2.82
CA ILE A 10 -4.85 -2.03 4.17
C ILE A 10 -6.18 -1.35 4.50
N CYS A 11 -7.00 -1.08 3.46
CA CYS A 11 -8.31 -0.45 3.67
C CYS A 11 -9.13 -0.39 2.36
N LEU A 12 -8.81 -1.27 1.41
CA LEU A 12 -9.57 -1.37 0.15
C LEU A 12 -9.58 -0.04 -0.64
N GLU A 13 -8.57 0.81 -0.41
CA GLU A 13 -8.52 2.12 -1.06
C GLU A 13 -7.58 2.11 -2.27
N ASP A 14 -7.77 3.08 -3.15
CA ASP A 14 -6.92 3.25 -4.34
C ASP A 14 -5.48 3.61 -3.95
N ILE A 15 -4.53 3.17 -4.76
CA ILE A 15 -3.13 3.54 -4.59
C ILE A 15 -2.48 3.82 -5.94
N HIS A 16 -1.98 5.05 -6.09
CA HIS A 16 -1.22 5.46 -7.27
C HIS A 16 0.27 5.38 -6.98
N THR A 17 1.09 5.63 -8.00
CA THR A 17 2.53 5.45 -7.89
C THR A 17 3.20 6.57 -7.08
N SER A 18 2.74 7.81 -7.29
CA SER A 18 3.37 8.99 -6.70
C SER A 18 3.71 8.80 -5.22
N ARG A 19 5.01 8.88 -4.90
CA ARG A 19 5.49 8.72 -3.51
C ARG A 19 4.89 9.80 -2.61
N VAL A 20 4.44 10.89 -3.21
CA VAL A 20 3.84 12.00 -2.46
C VAL A 20 2.64 11.50 -1.65
N VAL A 21 1.78 10.74 -2.31
CA VAL A 21 0.58 10.20 -1.67
C VAL A 21 0.88 8.81 -1.09
N ALA A 22 1.46 7.95 -1.93
CA ALA A 22 1.75 6.57 -1.54
C ALA A 22 3.21 6.42 -1.16
N HIS A 23 3.48 6.36 0.14
CA HIS A 23 4.82 6.13 0.66
C HIS A 23 5.29 4.72 0.29
N VAL A 24 6.56 4.60 -0.11
CA VAL A 24 7.10 3.31 -0.52
C VAL A 24 7.72 2.56 0.67
N LEU A 25 7.22 1.36 0.91
CA LEU A 25 7.76 0.47 1.93
C LEU A 25 9.10 -0.11 1.47
N PRO A 26 9.97 -0.50 2.42
CA PRO A 26 11.26 -1.12 2.11
C PRO A 26 11.10 -2.40 1.27
N CYS A 27 9.94 -3.03 1.36
CA CYS A 27 9.65 -4.28 0.64
C CYS A 27 9.06 -3.98 -0.74
N GLY A 28 9.07 -2.70 -1.13
CA GLY A 28 8.66 -2.30 -2.47
C GLY A 28 7.16 -2.12 -2.64
N HIS A 29 6.46 -1.89 -1.53
CA HIS A 29 5.02 -1.65 -1.59
C HIS A 29 4.70 -0.17 -1.48
N LEU A 30 3.54 0.21 -1.96
CA LEU A 30 3.05 1.57 -1.83
C LEU A 30 1.85 1.61 -0.91
N LEU A 31 1.81 2.60 -0.03
CA LEU A 31 0.66 2.85 0.84
C LEU A 31 0.62 4.33 1.24
N HIS A 32 -0.58 4.90 1.32
CA HIS A 32 -0.74 6.30 1.69
C HIS A 32 -0.21 6.58 3.10
N ARG A 33 0.07 7.86 3.36
CA ARG A 33 0.68 8.35 4.61
C ARG A 33 0.19 7.60 5.85
N THR A 34 -1.09 7.79 6.20
CA THR A 34 -1.65 7.20 7.42
C THR A 34 -1.56 5.68 7.40
N CYS A 35 -1.87 5.09 6.25
CA CYS A 35 -1.88 3.64 6.12
C CYS A 35 -0.48 3.05 6.34
N TYR A 36 0.53 3.86 6.07
CA TYR A 36 1.91 3.48 6.35
C TYR A 36 2.09 3.20 7.84
N GLU A 37 1.57 4.11 8.65
CA GLU A 37 1.64 3.96 10.11
C GLU A 37 0.78 2.78 10.56
N GLU A 38 -0.41 2.66 9.98
CA GLU A 38 -1.35 1.59 10.35
C GLU A 38 -0.70 0.21 10.21
N MET A 39 -0.18 -0.08 9.03
CA MET A 39 0.39 -1.41 8.76
C MET A 39 1.66 -1.62 9.57
N LEU A 40 2.56 -0.64 9.53
CA LEU A 40 3.86 -0.75 10.19
C LEU A 40 3.70 -0.84 11.71
N LYS A 41 2.63 -0.25 12.22
CA LYS A 41 2.32 -0.29 13.65
C LYS A 41 2.07 -1.74 14.09
N GLU A 42 1.33 -2.47 13.27
CA GLU A 42 1.01 -3.87 13.54
C GLU A 42 2.22 -4.76 13.25
N GLY A 43 2.94 -4.42 12.18
CA GLY A 43 4.14 -5.17 11.82
C GLY A 43 3.83 -6.59 11.37
N TYR A 44 2.65 -6.78 10.82
CA TYR A 44 2.24 -8.10 10.32
C TYR A 44 2.75 -8.31 8.88
N ARG A 45 2.50 -9.49 8.33
CA ARG A 45 2.95 -9.81 6.97
C ARG A 45 2.35 -8.82 5.98
N CYS A 46 3.16 -8.34 5.05
CA CYS A 46 2.70 -7.36 4.07
C CYS A 46 1.77 -7.98 3.03
N PRO A 47 0.45 -7.69 3.12
CA PRO A 47 -0.55 -8.28 2.23
C PRO A 47 -0.38 -7.82 0.79
N LEU A 48 0.34 -6.72 0.60
CA LEU A 48 0.56 -6.17 -0.74
C LEU A 48 1.49 -7.07 -1.55
N CYS A 49 2.18 -7.98 -0.85
CA CYS A 49 3.03 -8.98 -1.51
C CYS A 49 2.18 -9.92 -2.37
N MET A 50 0.94 -10.15 -1.93
CA MET A 50 0.03 -11.06 -2.63
C MET A 50 -1.11 -10.28 -3.30
N HIS A 51 -1.14 -8.96 -3.11
CA HIS A 51 -2.19 -8.11 -3.70
C HIS A 51 -1.61 -6.77 -4.13
N SER A 52 -1.69 -6.49 -5.43
CA SER A 52 -1.23 -5.21 -5.98
C SER A 52 -2.04 -4.88 -7.25
N GLU A 1 -4.94 -7.80 -16.63
CA GLU A 1 -3.69 -8.43 -16.13
C GLU A 1 -2.64 -7.38 -15.78
N ASN A 2 -2.98 -6.10 -15.96
CA ASN A 2 -2.04 -5.01 -15.71
C ASN A 2 -2.74 -3.85 -15.00
N VAL A 3 -2.71 -3.89 -13.68
CA VAL A 3 -3.26 -2.81 -12.86
C VAL A 3 -2.14 -2.13 -12.06
N SER A 4 -1.41 -1.25 -12.74
CA SER A 4 -0.27 -0.55 -12.15
C SER A 4 -0.74 0.41 -11.06
N GLN A 5 -1.93 0.97 -11.23
CA GLN A 5 -2.53 1.81 -10.20
C GLN A 5 -2.96 0.89 -9.05
N GLN A 6 -2.03 0.68 -8.12
CA GLN A 6 -2.17 -0.32 -7.08
C GLN A 6 -3.36 -0.06 -6.17
N ASN A 7 -3.91 -1.14 -5.63
CA ASN A 7 -4.98 -1.06 -4.63
C ASN A 7 -4.37 -1.17 -3.24
N CYS A 8 -5.04 -0.57 -2.27
CA CYS A 8 -4.58 -0.66 -0.89
C CYS A 8 -5.33 -1.76 -0.15
N PRO A 9 -4.67 -2.90 0.14
CA PRO A 9 -5.30 -4.01 0.88
C PRO A 9 -5.52 -3.65 2.35
N ILE A 10 -4.83 -2.60 2.80
CA ILE A 10 -4.91 -2.16 4.19
C ILE A 10 -6.33 -1.67 4.51
N CYS A 11 -7.06 -1.21 3.50
CA CYS A 11 -8.41 -0.68 3.70
C CYS A 11 -9.23 -0.72 2.40
N LEU A 12 -8.76 -1.51 1.42
CA LEU A 12 -9.44 -1.68 0.13
C LEU A 12 -9.68 -0.35 -0.60
N GLU A 13 -8.80 0.63 -0.35
CA GLU A 13 -8.94 1.96 -0.95
C GLU A 13 -7.93 2.20 -2.07
N ASP A 14 -8.07 3.34 -2.73
CA ASP A 14 -7.29 3.71 -3.91
C ASP A 14 -5.83 4.04 -3.58
N ILE A 15 -4.94 3.73 -4.52
CA ILE A 15 -3.52 4.07 -4.43
C ILE A 15 -2.98 4.32 -5.83
N HIS A 16 -1.99 5.19 -5.95
CA HIS A 16 -1.37 5.49 -7.25
C HIS A 16 0.13 5.17 -7.20
N THR A 17 0.69 4.80 -8.35
CA THR A 17 2.07 4.35 -8.44
C THR A 17 3.07 5.46 -8.06
N SER A 18 2.59 6.70 -8.06
CA SER A 18 3.43 7.85 -7.73
C SER A 18 3.86 7.81 -6.26
N ARG A 19 5.16 7.59 -6.02
CA ARG A 19 5.69 7.45 -4.67
C ARG A 19 5.73 8.79 -3.94
N VAL A 20 5.48 9.87 -4.68
CA VAL A 20 5.45 11.21 -4.10
C VAL A 20 4.22 11.41 -3.21
N VAL A 21 3.11 10.76 -3.56
CA VAL A 21 1.86 10.91 -2.81
C VAL A 21 1.71 9.83 -1.75
N ALA A 22 2.15 8.62 -2.07
CA ALA A 22 2.04 7.48 -1.15
C ALA A 22 3.39 7.21 -0.47
N HIS A 23 3.33 6.82 0.80
CA HIS A 23 4.54 6.48 1.55
C HIS A 23 5.10 5.17 1.03
N VAL A 24 6.40 5.14 0.76
CA VAL A 24 7.04 3.96 0.16
C VAL A 24 7.63 3.04 1.25
N LEU A 25 7.21 1.78 1.22
CA LEU A 25 7.76 0.74 2.08
C LEU A 25 9.07 0.20 1.49
N PRO A 26 9.98 -0.31 2.35
CA PRO A 26 11.29 -0.83 1.92
C PRO A 26 11.17 -2.15 1.16
N CYS A 27 9.93 -2.65 1.06
CA CYS A 27 9.65 -3.87 0.30
C CYS A 27 9.00 -3.52 -1.03
N GLY A 28 8.98 -2.22 -1.37
CA GLY A 28 8.53 -1.77 -2.67
C GLY A 28 7.03 -1.58 -2.76
N HIS A 29 6.38 -1.37 -1.63
CA HIS A 29 4.93 -1.13 -1.60
C HIS A 29 4.62 0.34 -1.37
N LEU A 30 3.45 0.76 -1.81
CA LEU A 30 2.96 2.10 -1.55
C LEU A 30 1.69 2.05 -0.72
N LEU A 31 1.57 2.99 0.21
CA LEU A 31 0.38 3.16 1.03
C LEU A 31 0.32 4.59 1.57
N HIS A 32 -0.88 5.13 1.72
CA HIS A 32 -1.06 6.49 2.22
C HIS A 32 -0.46 6.65 3.62
N ARG A 33 -0.19 7.90 3.99
CA ARG A 33 0.60 8.24 5.18
C ARG A 33 0.15 7.47 6.42
N THR A 34 -1.13 7.58 6.77
CA THR A 34 -1.66 6.93 7.96
C THR A 34 -1.60 5.41 7.83
N CYS A 35 -2.07 4.88 6.70
CA CYS A 35 -2.11 3.44 6.46
C CYS A 35 -0.72 2.81 6.61
N TYR A 36 0.31 3.61 6.35
CA TYR A 36 1.70 3.18 6.57
C TYR A 36 1.90 2.82 8.03
N GLU A 37 1.54 3.75 8.90
CA GLU A 37 1.73 3.59 10.34
C GLU A 37 0.87 2.45 10.87
N GLU A 38 -0.33 2.31 10.31
CA GLU A 38 -1.27 1.28 10.73
C GLU A 38 -0.69 -0.11 10.49
N MET A 39 -0.27 -0.38 9.25
CA MET A 39 0.27 -1.68 8.88
C MET A 39 1.57 -1.95 9.64
N LEU A 40 2.44 -0.93 9.69
CA LEU A 40 3.72 -1.05 10.35
C LEU A 40 3.55 -1.28 11.85
N LYS A 41 2.51 -0.68 12.43
CA LYS A 41 2.20 -0.85 13.84
C LYS A 41 1.91 -2.33 14.13
N GLU A 42 1.09 -2.93 13.28
CA GLU A 42 0.77 -4.35 13.39
C GLU A 42 2.02 -5.19 13.12
N GLY A 43 2.85 -4.72 12.20
CA GLY A 43 4.11 -5.37 11.88
C GLY A 43 3.90 -6.78 11.33
N TYR A 44 2.83 -6.98 10.58
CA TYR A 44 2.55 -8.27 9.99
C TYR A 44 3.03 -8.32 8.54
N ARG A 45 2.90 -9.50 7.92
CA ARG A 45 3.32 -9.69 6.53
C ARG A 45 2.61 -8.72 5.60
N CYS A 46 3.39 -7.93 4.86
CA CYS A 46 2.87 -6.95 3.93
C CYS A 46 1.89 -7.57 2.93
N PRO A 47 0.58 -7.27 3.08
CA PRO A 47 -0.49 -7.89 2.26
C PRO A 47 -0.38 -7.53 0.78
N LEU A 48 0.38 -6.47 0.46
CA LEU A 48 0.55 -6.06 -0.93
C LEU A 48 1.41 -7.07 -1.68
N CYS A 49 2.12 -7.91 -0.92
CA CYS A 49 2.88 -9.03 -1.48
C CYS A 49 1.93 -10.15 -1.92
N MET A 50 0.72 -10.14 -1.35
CA MET A 50 -0.30 -11.13 -1.65
C MET A 50 -1.22 -10.61 -2.75
N HIS A 51 -1.69 -9.37 -2.59
CA HIS A 51 -2.62 -8.77 -3.54
C HIS A 51 -2.32 -7.28 -3.72
N SER A 52 -1.92 -6.93 -4.94
CA SER A 52 -1.65 -5.55 -5.31
C SER A 52 -1.43 -5.47 -6.83
N GLU A 1 -14.55 -3.46 -14.85
CA GLU A 1 -14.58 -1.98 -14.86
C GLU A 1 -14.19 -1.44 -13.48
N ASN A 2 -13.53 -0.28 -13.48
CA ASN A 2 -13.08 0.38 -12.25
C ASN A 2 -11.93 -0.42 -11.62
N VAL A 3 -10.71 -0.10 -12.02
CA VAL A 3 -9.53 -0.77 -11.50
C VAL A 3 -8.53 0.25 -10.97
N SER A 4 -8.07 0.04 -9.75
CA SER A 4 -7.06 0.89 -9.14
C SER A 4 -5.70 0.63 -9.78
N GLN A 5 -4.87 1.68 -9.89
CA GLN A 5 -3.49 1.52 -10.34
C GLN A 5 -2.82 0.48 -9.47
N GLN A 6 -2.99 0.66 -8.17
CA GLN A 6 -2.64 -0.33 -7.17
C GLN A 6 -3.69 -0.29 -6.06
N ASN A 7 -4.06 -1.44 -5.54
CA ASN A 7 -5.07 -1.51 -4.49
C ASN A 7 -4.42 -1.58 -3.12
N CYS A 8 -4.96 -0.81 -2.17
CA CYS A 8 -4.55 -0.91 -0.78
C CYS A 8 -5.37 -1.99 -0.07
N PRO A 9 -4.75 -3.13 0.30
CA PRO A 9 -5.43 -4.19 1.05
C PRO A 9 -5.60 -3.79 2.51
N ILE A 10 -4.81 -2.80 2.93
CA ILE A 10 -4.78 -2.36 4.33
C ILE A 10 -6.15 -1.83 4.78
N CYS A 11 -6.95 -1.35 3.83
CA CYS A 11 -8.27 -0.77 4.15
C CYS A 11 -9.15 -0.65 2.91
N LEU A 12 -8.79 -1.38 1.85
CA LEU A 12 -9.48 -1.29 0.56
C LEU A 12 -9.62 0.17 0.09
N GLU A 13 -8.57 0.68 -0.53
CA GLU A 13 -8.56 2.03 -1.10
C GLU A 13 -7.73 2.05 -2.38
N ASP A 14 -8.03 3.01 -3.24
CA ASP A 14 -7.27 3.21 -4.47
C ASP A 14 -5.89 3.79 -4.15
N ILE A 15 -4.88 3.33 -4.88
CA ILE A 15 -3.53 3.83 -4.75
C ILE A 15 -2.92 4.03 -6.14
N HIS A 16 -2.24 5.15 -6.33
CA HIS A 16 -1.55 5.45 -7.58
C HIS A 16 -0.05 5.48 -7.37
N THR A 17 0.69 5.02 -8.38
CA THR A 17 2.14 4.85 -8.30
C THR A 17 2.88 6.15 -7.97
N SER A 18 2.19 7.29 -8.13
CA SER A 18 2.76 8.61 -7.81
C SER A 18 3.48 8.58 -6.46
N ARG A 19 4.81 8.65 -6.52
CA ARG A 19 5.68 8.32 -5.39
C ARG A 19 5.59 9.36 -4.27
N VAL A 20 5.31 10.60 -4.62
CA VAL A 20 5.31 11.70 -3.66
C VAL A 20 4.05 11.67 -2.79
N VAL A 21 3.02 10.98 -3.27
CA VAL A 21 1.76 10.88 -2.54
C VAL A 21 1.65 9.54 -1.80
N ALA A 22 1.98 8.46 -2.49
CA ALA A 22 1.94 7.13 -1.89
C ALA A 22 3.27 6.81 -1.21
N HIS A 23 3.24 6.70 0.12
CA HIS A 23 4.44 6.43 0.89
C HIS A 23 4.97 5.03 0.57
N VAL A 24 6.29 4.91 0.44
CA VAL A 24 6.91 3.65 0.07
C VAL A 24 7.36 2.85 1.29
N LEU A 25 6.99 1.57 1.29
CA LEU A 25 7.51 0.60 2.25
C LEU A 25 8.88 0.11 1.80
N PRO A 26 9.79 -0.18 2.74
CA PRO A 26 11.12 -0.70 2.43
C PRO A 26 11.05 -1.98 1.58
N CYS A 27 9.90 -2.66 1.63
CA CYS A 27 9.69 -3.93 0.91
C CYS A 27 9.08 -3.69 -0.46
N GLY A 28 9.05 -2.41 -0.88
CA GLY A 28 8.68 -2.07 -2.25
C GLY A 28 7.19 -1.90 -2.47
N HIS A 29 6.42 -1.72 -1.41
CA HIS A 29 4.97 -1.51 -1.53
C HIS A 29 4.62 -0.04 -1.33
N LEU A 30 3.48 0.38 -1.85
CA LEU A 30 3.00 1.75 -1.67
C LEU A 30 1.73 1.79 -0.82
N LEU A 31 1.65 2.77 0.07
CA LEU A 31 0.47 2.99 0.91
C LEU A 31 0.36 4.47 1.27
N HIS A 32 -0.83 4.93 1.64
CA HIS A 32 -1.04 6.32 2.03
C HIS A 32 -0.40 6.62 3.38
N ARG A 33 -0.33 7.92 3.70
CA ARG A 33 0.35 8.43 4.90
C ARG A 33 0.04 7.60 6.14
N THR A 34 -1.23 7.58 6.51
CA THR A 34 -1.68 6.91 7.73
C THR A 34 -1.45 5.40 7.66
N CYS A 35 -1.89 4.80 6.56
CA CYS A 35 -1.83 3.35 6.38
C CYS A 35 -0.41 2.81 6.54
N TYR A 36 0.58 3.65 6.25
CA TYR A 36 1.98 3.30 6.47
C TYR A 36 2.19 2.97 7.95
N GLU A 37 1.72 3.88 8.78
CA GLU A 37 1.90 3.79 10.22
C GLU A 37 1.01 2.69 10.80
N GLU A 38 -0.21 2.58 10.27
CA GLU A 38 -1.15 1.56 10.71
C GLU A 38 -0.56 0.17 10.54
N MET A 39 -0.15 -0.16 9.31
CA MET A 39 0.38 -1.48 9.00
C MET A 39 1.65 -1.74 9.78
N LEU A 40 2.53 -0.74 9.79
CA LEU A 40 3.83 -0.85 10.44
C LEU A 40 3.67 -0.98 11.96
N LYS A 41 2.61 -0.37 12.50
CA LYS A 41 2.32 -0.45 13.93
C LYS A 41 1.90 -1.86 14.31
N GLU A 42 0.97 -2.41 13.53
CA GLU A 42 0.49 -3.77 13.75
C GLU A 42 1.63 -4.78 13.52
N GLY A 43 2.47 -4.47 12.53
CA GLY A 43 3.67 -5.25 12.29
C GLY A 43 3.38 -6.63 11.70
N TYR A 44 2.30 -6.74 10.94
CA TYR A 44 1.95 -8.02 10.30
C TYR A 44 2.60 -8.11 8.92
N ARG A 45 2.54 -9.30 8.31
CA ARG A 45 3.11 -9.54 7.00
C ARG A 45 2.41 -8.69 5.95
N CYS A 46 3.19 -7.91 5.19
CA CYS A 46 2.67 -7.04 4.15
C CYS A 46 1.83 -7.81 3.12
N PRO A 47 0.50 -7.62 3.12
CA PRO A 47 -0.42 -8.34 2.23
C PRO A 47 -0.19 -7.99 0.76
N LEU A 48 0.49 -6.87 0.52
CA LEU A 48 0.77 -6.43 -0.84
C LEU A 48 1.83 -7.32 -1.50
N CYS A 49 2.43 -8.21 -0.70
CA CYS A 49 3.43 -9.15 -1.20
C CYS A 49 2.76 -10.24 -2.05
N MET A 50 1.48 -10.46 -1.80
CA MET A 50 0.69 -11.42 -2.58
C MET A 50 0.44 -10.87 -3.99
N HIS A 51 0.40 -9.54 -4.10
CA HIS A 51 0.14 -8.86 -5.36
C HIS A 51 1.28 -9.12 -6.36
N SER A 52 0.98 -8.99 -7.65
CA SER A 52 1.96 -9.16 -8.70
C SER A 52 2.40 -7.77 -9.21
N GLU A 1 -11.24 -6.88 -17.33
CA GLU A 1 -10.50 -6.34 -16.16
C GLU A 1 -9.46 -5.32 -16.61
N ASN A 2 -9.79 -4.04 -16.44
CA ASN A 2 -8.85 -2.95 -16.73
C ASN A 2 -8.40 -2.29 -15.43
N VAL A 3 -8.35 -3.08 -14.38
CA VAL A 3 -7.97 -2.60 -13.06
C VAL A 3 -6.46 -2.30 -13.03
N SER A 4 -6.11 -1.12 -13.51
CA SER A 4 -4.72 -0.68 -13.49
C SER A 4 -4.39 -0.07 -12.13
N GLN A 5 -5.46 0.28 -11.41
CA GLN A 5 -5.35 0.89 -10.10
C GLN A 5 -5.04 -0.16 -9.05
N GLN A 6 -3.76 -0.25 -8.68
CA GLN A 6 -3.30 -1.15 -7.63
C GLN A 6 -4.00 -0.79 -6.32
N ASN A 7 -4.86 -1.68 -5.83
CA ASN A 7 -5.67 -1.38 -4.66
C ASN A 7 -4.87 -1.48 -3.37
N CYS A 8 -5.29 -0.72 -2.38
CA CYS A 8 -4.75 -0.82 -1.04
C CYS A 8 -5.50 -1.87 -0.25
N PRO A 9 -4.89 -3.03 0.04
CA PRO A 9 -5.54 -4.11 0.80
C PRO A 9 -5.86 -3.66 2.22
N ILE A 10 -5.05 -2.73 2.72
CA ILE A 10 -5.12 -2.26 4.10
C ILE A 10 -6.51 -1.71 4.45
N CYS A 11 -7.26 -1.29 3.44
CA CYS A 11 -8.62 -0.77 3.64
C CYS A 11 -9.44 -0.86 2.36
N LEU A 12 -8.95 -1.64 1.39
CA LEU A 12 -9.58 -1.78 0.07
C LEU A 12 -9.97 -0.42 -0.51
N GLU A 13 -8.94 0.36 -0.83
CA GLU A 13 -9.10 1.71 -1.41
C GLU A 13 -8.13 1.90 -2.57
N ASP A 14 -8.13 3.09 -3.15
CA ASP A 14 -7.29 3.40 -4.31
C ASP A 14 -5.85 3.66 -3.89
N ILE A 15 -4.92 3.39 -4.82
CA ILE A 15 -3.51 3.73 -4.66
C ILE A 15 -2.90 4.04 -6.03
N HIS A 16 -1.95 4.97 -6.07
CA HIS A 16 -1.35 5.39 -7.35
C HIS A 16 0.18 5.30 -7.27
N THR A 17 0.85 5.69 -8.36
CA THR A 17 2.27 5.41 -8.56
C THR A 17 3.20 6.27 -7.68
N SER A 18 2.80 7.51 -7.40
CA SER A 18 3.70 8.47 -6.73
C SER A 18 4.15 7.95 -5.36
N ARG A 19 5.48 7.77 -5.24
CA ARG A 19 6.08 7.35 -3.97
C ARG A 19 6.16 8.55 -3.01
N VAL A 20 5.81 9.73 -3.53
CA VAL A 20 5.79 10.95 -2.73
C VAL A 20 4.44 11.10 -2.05
N VAL A 21 3.39 10.66 -2.74
CA VAL A 21 2.04 10.67 -2.19
C VAL A 21 1.83 9.44 -1.30
N ALA A 22 2.08 8.27 -1.87
CA ALA A 22 1.99 7.02 -1.13
C ALA A 22 3.35 6.62 -0.61
N HIS A 23 3.44 6.39 0.70
CA HIS A 23 4.71 6.05 1.34
C HIS A 23 5.17 4.67 0.88
N VAL A 24 6.44 4.56 0.51
CA VAL A 24 7.01 3.29 0.06
C VAL A 24 7.54 2.49 1.25
N LEU A 25 6.94 1.32 1.48
CA LEU A 25 7.39 0.38 2.52
C LEU A 25 8.78 -0.16 2.17
N PRO A 26 9.55 -0.60 3.19
CA PRO A 26 10.89 -1.19 2.98
C PRO A 26 10.86 -2.42 2.07
N CYS A 27 9.66 -2.96 1.87
CA CYS A 27 9.47 -4.16 1.05
C CYS A 27 8.94 -3.79 -0.34
N GLY A 28 8.96 -2.49 -0.65
CA GLY A 28 8.66 -2.02 -1.99
C GLY A 28 7.18 -1.87 -2.29
N HIS A 29 6.37 -1.72 -1.24
CA HIS A 29 4.91 -1.51 -1.41
C HIS A 29 4.55 -0.05 -1.19
N LEU A 30 3.44 0.37 -1.77
CA LEU A 30 2.95 1.73 -1.59
C LEU A 30 1.65 1.74 -0.80
N LEU A 31 1.50 2.73 0.07
CA LEU A 31 0.28 2.95 0.84
C LEU A 31 0.20 4.41 1.31
N HIS A 32 -1.01 4.93 1.45
CA HIS A 32 -1.21 6.31 1.91
C HIS A 32 -0.72 6.50 3.34
N ARG A 33 -0.58 7.77 3.73
CA ARG A 33 0.05 8.18 4.99
C ARG A 33 -0.50 7.41 6.19
N THR A 34 -1.77 7.62 6.51
CA THR A 34 -2.39 7.02 7.70
C THR A 34 -2.28 5.50 7.65
N CYS A 35 -2.51 4.94 6.47
CA CYS A 35 -2.43 3.48 6.28
C CYS A 35 -1.00 2.99 6.50
N TYR A 36 -0.01 3.84 6.20
CA TYR A 36 1.38 3.49 6.39
C TYR A 36 1.67 3.27 7.87
N GLU A 37 1.36 4.27 8.68
CA GLU A 37 1.66 4.22 10.10
C GLU A 37 0.98 3.03 10.77
N GLU A 38 -0.31 2.87 10.51
CA GLU A 38 -1.08 1.78 11.11
C GLU A 38 -0.46 0.42 10.76
N MET A 39 -0.06 0.25 9.50
CA MET A 39 0.56 -0.99 9.05
C MET A 39 1.95 -1.15 9.68
N LEU A 40 2.71 -0.05 9.68
CA LEU A 40 4.09 -0.04 10.14
C LEU A 40 4.17 -0.32 11.65
N LYS A 41 3.15 0.15 12.38
CA LYS A 41 3.05 -0.05 13.82
C LYS A 41 3.03 -1.55 14.16
N GLU A 42 2.41 -2.33 13.29
CA GLU A 42 2.26 -3.77 13.51
C GLU A 42 3.37 -4.55 12.80
N GLY A 43 3.73 -4.10 11.60
CA GLY A 43 4.75 -4.75 10.82
C GLY A 43 4.35 -6.16 10.39
N TYR A 44 3.05 -6.39 10.29
CA TYR A 44 2.51 -7.71 9.95
C TYR A 44 2.79 -8.06 8.49
N ARG A 45 2.38 -9.27 8.08
CA ARG A 45 2.58 -9.74 6.71
C ARG A 45 1.96 -8.78 5.71
N CYS A 46 2.79 -8.27 4.81
CA CYS A 46 2.35 -7.31 3.81
C CYS A 46 1.51 -7.97 2.72
N PRO A 47 0.18 -7.76 2.73
CA PRO A 47 -0.74 -8.41 1.78
C PRO A 47 -0.52 -7.93 0.35
N LEU A 48 0.23 -6.83 0.20
CA LEU A 48 0.52 -6.28 -1.12
C LEU A 48 1.53 -7.16 -1.85
N CYS A 49 2.20 -8.05 -1.11
CA CYS A 49 3.16 -8.99 -1.70
C CYS A 49 2.47 -9.95 -2.64
N MET A 50 1.16 -10.16 -2.43
CA MET A 50 0.36 -11.04 -3.26
C MET A 50 0.12 -10.42 -4.64
N HIS A 51 0.16 -9.10 -4.71
CA HIS A 51 -0.10 -8.36 -5.95
C HIS A 51 1.19 -7.71 -6.48
N SER A 52 1.34 -7.71 -7.80
CA SER A 52 2.46 -7.03 -8.45
C SER A 52 2.17 -6.83 -9.93
N GLU A 1 -14.87 -7.63 -13.13
CA GLU A 1 -14.26 -7.32 -11.82
C GLU A 1 -12.82 -6.84 -11.97
N ASN A 2 -12.23 -7.04 -13.15
CA ASN A 2 -10.82 -6.70 -13.38
C ASN A 2 -10.62 -5.18 -13.37
N VAL A 3 -9.54 -4.74 -12.76
CA VAL A 3 -9.19 -3.32 -12.72
C VAL A 3 -7.76 -3.12 -13.24
N SER A 4 -7.52 -1.97 -13.87
CA SER A 4 -6.22 -1.65 -14.44
C SER A 4 -5.50 -0.63 -13.56
N GLN A 5 -5.93 -0.55 -12.30
CA GLN A 5 -5.37 0.40 -11.34
C GLN A 5 -4.72 -0.34 -10.17
N GLN A 6 -4.07 0.42 -9.29
CA GLN A 6 -3.53 -0.13 -8.05
C GLN A 6 -4.61 -0.07 -6.96
N ASN A 7 -4.35 -0.66 -5.81
CA ASN A 7 -5.33 -0.67 -4.71
C ASN A 7 -4.63 -0.74 -3.36
N CYS A 8 -5.36 -0.37 -2.31
CA CYS A 8 -4.88 -0.54 -0.94
C CYS A 8 -5.67 -1.66 -0.26
N PRO A 9 -5.04 -2.83 -0.03
CA PRO A 9 -5.70 -3.94 0.68
C PRO A 9 -5.82 -3.66 2.17
N ILE A 10 -5.07 -2.66 2.64
CA ILE A 10 -5.04 -2.32 4.06
C ILE A 10 -6.40 -1.80 4.53
N CYS A 11 -7.22 -1.29 3.59
CA CYS A 11 -8.53 -0.73 3.96
C CYS A 11 -9.46 -0.64 2.75
N LEU A 12 -9.07 -1.26 1.63
CA LEU A 12 -9.80 -1.10 0.36
C LEU A 12 -9.93 0.38 -0.01
N GLU A 13 -8.99 0.86 -0.82
CA GLU A 13 -8.95 2.25 -1.22
C GLU A 13 -8.10 2.40 -2.48
N ASP A 14 -8.25 3.54 -3.13
CA ASP A 14 -7.53 3.84 -4.37
C ASP A 14 -6.07 4.14 -4.08
N ILE A 15 -5.19 3.60 -4.91
CA ILE A 15 -3.76 3.86 -4.85
C ILE A 15 -3.21 3.97 -6.27
N HIS A 16 -2.20 4.80 -6.44
CA HIS A 16 -1.57 4.99 -7.74
C HIS A 16 -0.05 4.96 -7.60
N THR A 17 0.65 4.84 -8.73
CA THR A 17 2.11 4.86 -8.77
C THR A 17 2.69 6.09 -8.05
N SER A 18 1.85 7.09 -7.83
CA SER A 18 2.23 8.32 -7.14
C SER A 18 2.98 8.04 -5.82
N ARG A 19 4.30 7.87 -5.94
CA ARG A 19 5.14 7.52 -4.80
C ARG A 19 5.47 8.76 -3.97
N VAL A 20 5.05 9.93 -4.45
CA VAL A 20 5.22 11.16 -3.68
C VAL A 20 4.13 11.27 -2.62
N VAL A 21 2.94 10.82 -2.97
CA VAL A 21 1.81 10.80 -2.05
C VAL A 21 1.79 9.50 -1.26
N ALA A 22 1.78 8.38 -1.98
CA ALA A 22 1.76 7.07 -1.35
C ALA A 22 3.13 6.73 -0.79
N HIS A 23 3.19 6.54 0.53
CA HIS A 23 4.45 6.22 1.19
C HIS A 23 4.89 4.81 0.82
N VAL A 24 6.14 4.69 0.36
CA VAL A 24 6.67 3.41 -0.08
C VAL A 24 7.30 2.65 1.09
N LEU A 25 6.75 1.48 1.38
CA LEU A 25 7.33 0.56 2.36
C LEU A 25 8.71 0.10 1.88
N PRO A 26 9.62 -0.21 2.82
CA PRO A 26 10.97 -0.71 2.48
C PRO A 26 10.94 -2.00 1.66
N CYS A 27 9.77 -2.64 1.59
CA CYS A 27 9.59 -3.88 0.81
C CYS A 27 9.01 -3.57 -0.58
N GLY A 28 8.90 -2.27 -0.89
CA GLY A 28 8.52 -1.85 -2.24
C GLY A 28 7.02 -1.71 -2.45
N HIS A 29 6.25 -1.59 -1.37
CA HIS A 29 4.79 -1.40 -1.48
C HIS A 29 4.40 0.04 -1.23
N LEU A 30 3.25 0.44 -1.74
CA LEU A 30 2.75 1.80 -1.55
C LEU A 30 1.49 1.81 -0.69
N LEU A 31 1.42 2.76 0.23
CA LEU A 31 0.23 2.99 1.05
C LEU A 31 0.24 4.44 1.58
N HIS A 32 -0.94 4.93 1.94
CA HIS A 32 -1.07 6.31 2.46
C HIS A 32 -0.50 6.43 3.87
N ARG A 33 -0.31 7.67 4.31
CA ARG A 33 0.37 7.98 5.57
C ARG A 33 -0.16 7.17 6.76
N THR A 34 -1.43 7.37 7.11
CA THR A 34 -1.99 6.71 8.28
C THR A 34 -1.93 5.19 8.13
N CYS A 35 -2.24 4.69 6.93
CA CYS A 35 -2.19 3.25 6.66
C CYS A 35 -0.76 2.73 6.83
N TYR A 36 0.22 3.61 6.62
CA TYR A 36 1.63 3.28 6.86
C TYR A 36 1.89 3.16 8.36
N GLU A 37 1.35 4.11 9.11
CA GLU A 37 1.52 4.14 10.56
C GLU A 37 0.79 2.96 11.20
N GLU A 38 -0.27 2.49 10.53
CA GLU A 38 -1.01 1.31 10.98
C GLU A 38 -0.19 0.05 10.70
N MET A 39 0.26 -0.08 9.45
CA MET A 39 1.00 -1.26 9.02
C MET A 39 2.31 -1.41 9.80
N LEU A 40 3.11 -0.36 9.79
CA LEU A 40 4.42 -0.37 10.45
C LEU A 40 4.28 -0.59 11.95
N LYS A 41 3.15 -0.17 12.51
CA LYS A 41 2.87 -0.35 13.93
C LYS A 41 2.83 -1.84 14.28
N GLU A 42 2.25 -2.63 13.40
CA GLU A 42 2.12 -4.07 13.62
C GLU A 42 3.34 -4.81 13.08
N GLY A 43 3.92 -4.29 12.00
CA GLY A 43 5.07 -4.93 11.38
C GLY A 43 4.77 -6.32 10.87
N TYR A 44 3.51 -6.53 10.48
CA TYR A 44 3.03 -7.85 10.06
C TYR A 44 3.39 -8.12 8.59
N ARG A 45 3.10 -9.34 8.15
CA ARG A 45 3.33 -9.75 6.76
C ARG A 45 2.59 -8.83 5.79
N CYS A 46 3.23 -8.47 4.69
CA CYS A 46 2.67 -7.51 3.74
C CYS A 46 1.85 -8.20 2.64
N PRO A 47 0.51 -8.08 2.69
CA PRO A 47 -0.38 -8.69 1.69
C PRO A 47 -0.16 -8.11 0.29
N LEU A 48 0.54 -6.97 0.23
CA LEU A 48 0.82 -6.32 -1.05
C LEU A 48 1.92 -7.07 -1.80
N CYS A 49 2.52 -8.06 -1.14
CA CYS A 49 3.49 -8.95 -1.79
C CYS A 49 2.76 -9.91 -2.74
N MET A 50 1.55 -10.31 -2.34
CA MET A 50 0.69 -11.16 -3.17
C MET A 50 0.11 -10.35 -4.33
N HIS A 51 -0.44 -9.18 -4.01
CA HIS A 51 -1.05 -8.31 -5.01
C HIS A 51 0.03 -7.64 -5.87
N SER A 52 -0.24 -7.55 -7.17
CA SER A 52 0.69 -6.91 -8.09
C SER A 52 0.05 -5.64 -8.70
N GLU A 1 -7.91 5.90 -19.57
CA GLU A 1 -6.79 4.92 -19.54
C GLU A 1 -6.82 4.10 -18.25
N ASN A 2 -8.03 3.90 -17.71
CA ASN A 2 -8.21 3.18 -16.45
C ASN A 2 -8.08 1.68 -16.67
N VAL A 3 -6.84 1.20 -16.80
CA VAL A 3 -6.58 -0.23 -16.94
C VAL A 3 -6.78 -0.91 -15.59
N SER A 4 -5.80 -0.77 -14.71
CA SER A 4 -5.86 -1.33 -13.37
C SER A 4 -4.92 -0.57 -12.43
N GLN A 5 -5.49 0.36 -11.67
CA GLN A 5 -4.74 1.10 -10.67
C GLN A 5 -4.53 0.21 -9.44
N GLN A 6 -3.31 0.25 -8.90
CA GLN A 6 -2.99 -0.54 -7.71
C GLN A 6 -3.84 -0.10 -6.52
N ASN A 7 -4.75 -0.96 -6.09
CA ASN A 7 -5.60 -0.68 -4.95
C ASN A 7 -4.84 -0.97 -3.65
N CYS A 8 -5.18 -0.26 -2.60
CA CYS A 8 -4.57 -0.49 -1.30
C CYS A 8 -5.25 -1.65 -0.58
N PRO A 9 -4.58 -2.80 -0.44
CA PRO A 9 -5.16 -3.96 0.24
C PRO A 9 -5.17 -3.78 1.76
N ILE A 10 -4.53 -2.70 2.21
CA ILE A 10 -4.47 -2.36 3.63
C ILE A 10 -5.84 -1.87 4.13
N CYS A 11 -6.67 -1.37 3.20
CA CYS A 11 -8.00 -0.86 3.56
C CYS A 11 -8.91 -0.73 2.33
N LEU A 12 -8.59 -1.49 1.27
CA LEU A 12 -9.43 -1.57 0.06
C LEU A 12 -9.67 -0.20 -0.59
N GLU A 13 -8.74 0.74 -0.37
CA GLU A 13 -8.85 2.07 -0.98
C GLU A 13 -8.09 2.13 -2.31
N ASP A 14 -8.12 3.29 -2.94
CA ASP A 14 -7.40 3.51 -4.20
C ASP A 14 -5.98 4.02 -3.92
N ILE A 15 -5.05 3.69 -4.81
CA ILE A 15 -3.69 4.17 -4.74
C ILE A 15 -3.22 4.57 -6.14
N HIS A 16 -2.53 5.70 -6.22
CA HIS A 16 -2.06 6.23 -7.50
C HIS A 16 -0.54 6.15 -7.56
N THR A 17 0.01 6.13 -8.78
CA THR A 17 1.46 6.01 -8.99
C THR A 17 2.25 7.13 -8.28
N SER A 18 1.55 8.20 -7.90
CA SER A 18 2.18 9.34 -7.24
C SER A 18 2.81 8.91 -5.91
N ARG A 19 4.11 8.59 -5.96
CA ARG A 19 4.85 8.14 -4.77
C ARG A 19 5.18 9.34 -3.87
N VAL A 20 5.04 10.54 -4.41
CA VAL A 20 5.20 11.76 -3.61
C VAL A 20 4.05 11.86 -2.61
N VAL A 21 2.97 11.14 -2.89
CA VAL A 21 1.86 11.01 -1.97
C VAL A 21 1.97 9.69 -1.20
N ALA A 22 1.90 8.59 -1.94
CA ALA A 22 1.96 7.25 -1.34
C ALA A 22 3.36 6.93 -0.84
N HIS A 23 3.46 6.60 0.45
CA HIS A 23 4.73 6.25 1.07
C HIS A 23 5.11 4.82 0.67
N VAL A 24 6.40 4.60 0.41
CA VAL A 24 6.87 3.27 0.01
C VAL A 24 7.46 2.51 1.19
N LEU A 25 6.87 1.35 1.49
CA LEU A 25 7.40 0.42 2.48
C LEU A 25 8.78 -0.05 2.07
N PRO A 26 9.67 -0.34 3.05
CA PRO A 26 11.03 -0.82 2.77
C PRO A 26 11.04 -2.10 1.92
N CYS A 27 9.90 -2.80 1.90
CA CYS A 27 9.77 -4.06 1.16
C CYS A 27 9.31 -3.79 -0.29
N GLY A 28 9.12 -2.52 -0.62
CA GLY A 28 8.81 -2.14 -2.00
C GLY A 28 7.33 -1.96 -2.27
N HIS A 29 6.53 -1.77 -1.23
CA HIS A 29 5.08 -1.58 -1.38
C HIS A 29 4.71 -0.10 -1.21
N LEU A 30 3.57 0.29 -1.78
CA LEU A 30 3.08 1.66 -1.67
C LEU A 30 1.79 1.73 -0.84
N LEU A 31 1.70 2.76 0.00
CA LEU A 31 0.51 3.03 0.81
C LEU A 31 0.53 4.47 1.34
N HIS A 32 -0.66 5.05 1.50
CA HIS A 32 -0.79 6.39 2.08
C HIS A 32 -0.20 6.44 3.50
N ARG A 33 0.14 7.65 3.94
CA ARG A 33 0.91 7.87 5.18
C ARG A 33 0.32 7.12 6.38
N THR A 34 -0.95 7.41 6.68
CA THR A 34 -1.62 6.80 7.84
C THR A 34 -1.57 5.27 7.75
N CYS A 35 -1.85 4.74 6.57
CA CYS A 35 -1.83 3.29 6.35
C CYS A 35 -0.43 2.72 6.58
N TYR A 36 0.59 3.53 6.28
CA TYR A 36 1.97 3.15 6.55
C TYR A 36 2.18 2.96 8.05
N GLU A 37 1.69 3.93 8.82
CA GLU A 37 1.82 3.88 10.28
C GLU A 37 1.08 2.67 10.84
N GLU A 38 -0.19 2.53 10.45
CA GLU A 38 -1.04 1.45 10.96
C GLU A 38 -0.50 0.07 10.56
N MET A 39 0.06 -0.02 9.35
CA MET A 39 0.63 -1.28 8.87
C MET A 39 1.87 -1.62 9.68
N LEU A 40 2.78 -0.65 9.77
CA LEU A 40 4.04 -0.82 10.51
C LEU A 40 3.77 -0.99 12.00
N LYS A 41 2.66 -0.39 12.46
CA LYS A 41 2.23 -0.49 13.85
C LYS A 41 2.04 -1.94 14.25
N GLU A 42 1.29 -2.68 13.44
CA GLU A 42 1.04 -4.09 13.68
C GLU A 42 2.23 -4.93 13.22
N GLY A 43 2.89 -4.46 12.17
CA GLY A 43 4.06 -5.15 11.64
C GLY A 43 3.73 -6.55 11.14
N TYR A 44 2.51 -6.71 10.62
CA TYR A 44 2.06 -8.00 10.12
C TYR A 44 2.65 -8.29 8.74
N ARG A 45 2.24 -9.41 8.14
CA ARG A 45 2.77 -9.82 6.84
C ARG A 45 2.21 -8.90 5.76
N CYS A 46 3.09 -8.25 5.01
CA CYS A 46 2.68 -7.32 3.97
C CYS A 46 1.87 -8.03 2.88
N PRO A 47 0.53 -7.79 2.84
CA PRO A 47 -0.37 -8.52 1.94
C PRO A 47 0.00 -8.33 0.48
N LEU A 48 0.60 -7.18 0.16
CA LEU A 48 0.95 -6.86 -1.22
C LEU A 48 1.96 -7.86 -1.78
N CYS A 49 2.60 -8.61 -0.88
CA CYS A 49 3.54 -9.66 -1.27
C CYS A 49 2.81 -10.90 -1.81
N MET A 50 1.63 -11.18 -1.28
CA MET A 50 0.90 -12.40 -1.63
C MET A 50 -0.35 -12.10 -2.47
N HIS A 51 -0.85 -10.88 -2.36
CA HIS A 51 -2.11 -10.49 -3.01
C HIS A 51 -2.09 -8.99 -3.33
N SER A 52 -2.81 -8.60 -4.36
CA SER A 52 -2.93 -7.18 -4.73
C SER A 52 -4.37 -6.72 -4.48
N GLU A 1 -7.81 6.01 -20.34
CA GLU A 1 -6.53 6.24 -21.06
C GLU A 1 -5.33 5.75 -20.24
N ASN A 2 -5.61 5.09 -19.10
CA ASN A 2 -4.56 4.54 -18.25
C ASN A 2 -5.14 3.46 -17.34
N VAL A 3 -4.59 2.25 -17.43
CA VAL A 3 -5.07 1.12 -16.63
C VAL A 3 -4.22 0.93 -15.37
N SER A 4 -3.01 1.50 -15.38
CA SER A 4 -2.08 1.33 -14.27
C SER A 4 -2.61 1.97 -12.99
N GLN A 5 -3.00 1.12 -12.04
CA GLN A 5 -3.45 1.56 -10.72
C GLN A 5 -3.23 0.44 -9.72
N GLN A 6 -3.09 0.81 -8.45
CA GLN A 6 -2.85 -0.17 -7.39
C GLN A 6 -3.95 -0.06 -6.33
N ASN A 7 -4.19 -1.15 -5.63
CA ASN A 7 -5.23 -1.18 -4.60
C ASN A 7 -4.59 -1.32 -3.22
N CYS A 8 -5.19 -0.67 -2.23
CA CYS A 8 -4.74 -0.78 -0.84
C CYS A 8 -5.48 -1.90 -0.12
N PRO A 9 -4.81 -3.03 0.17
CA PRO A 9 -5.42 -4.13 0.92
C PRO A 9 -5.50 -3.82 2.42
N ILE A 10 -4.87 -2.71 2.81
CA ILE A 10 -4.82 -2.32 4.22
C ILE A 10 -6.18 -1.82 4.70
N CYS A 11 -7.04 -1.38 3.77
CA CYS A 11 -8.35 -0.84 4.14
C CYS A 11 -9.31 -0.80 2.95
N LEU A 12 -8.95 -1.48 1.86
CA LEU A 12 -9.69 -1.37 0.59
C LEU A 12 -9.80 0.10 0.18
N GLU A 13 -8.83 0.53 -0.62
CA GLU A 13 -8.71 1.94 -1.00
C GLU A 13 -7.94 2.04 -2.33
N ASP A 14 -7.98 3.20 -2.95
CA ASP A 14 -7.27 3.43 -4.20
C ASP A 14 -5.84 3.90 -3.94
N ILE A 15 -4.90 3.45 -4.77
CA ILE A 15 -3.50 3.81 -4.66
C ILE A 15 -2.90 4.00 -6.05
N HIS A 16 -2.02 4.97 -6.20
CA HIS A 16 -1.36 5.24 -7.47
C HIS A 16 0.16 5.19 -7.31
N THR A 17 0.88 5.37 -8.40
CA THR A 17 2.34 5.23 -8.40
C THR A 17 3.03 6.43 -7.77
N SER A 18 2.29 7.53 -7.62
CA SER A 18 2.81 8.75 -7.02
C SER A 18 3.35 8.48 -5.59
N ARG A 19 4.63 8.13 -5.51
CA ARG A 19 5.28 7.80 -4.25
C ARG A 19 5.48 9.05 -3.39
N VAL A 20 5.27 10.21 -3.99
CA VAL A 20 5.30 11.48 -3.25
C VAL A 20 4.13 11.53 -2.28
N VAL A 21 2.99 10.97 -2.71
CA VAL A 21 1.78 10.94 -1.89
C VAL A 21 1.72 9.64 -1.10
N ALA A 22 1.82 8.52 -1.82
CA ALA A 22 1.81 7.20 -1.20
C ALA A 22 3.21 6.83 -0.72
N HIS A 23 3.36 6.66 0.60
CA HIS A 23 4.65 6.36 1.19
C HIS A 23 5.14 4.98 0.73
N VAL A 24 6.33 4.93 0.16
CA VAL A 24 6.91 3.68 -0.30
C VAL A 24 7.54 2.91 0.86
N LEU A 25 6.99 1.72 1.14
CA LEU A 25 7.56 0.81 2.13
C LEU A 25 8.92 0.32 1.67
N PRO A 26 9.81 -0.08 2.62
CA PRO A 26 11.14 -0.61 2.28
C PRO A 26 11.04 -1.97 1.58
N CYS A 27 9.81 -2.49 1.49
CA CYS A 27 9.56 -3.77 0.84
C CYS A 27 8.87 -3.55 -0.51
N GLY A 28 8.91 -2.29 -1.00
CA GLY A 28 8.49 -1.99 -2.37
C GLY A 28 7.02 -1.66 -2.53
N HIS A 29 6.26 -1.63 -1.43
CA HIS A 29 4.81 -1.41 -1.51
C HIS A 29 4.45 0.04 -1.27
N LEU A 30 3.30 0.46 -1.76
CA LEU A 30 2.82 1.81 -1.58
C LEU A 30 1.57 1.84 -0.71
N LEU A 31 1.46 2.86 0.13
CA LEU A 31 0.29 3.07 0.97
C LEU A 31 0.21 4.54 1.37
N HIS A 32 -1.01 5.03 1.63
CA HIS A 32 -1.21 6.42 2.04
C HIS A 32 -0.60 6.67 3.43
N ARG A 33 -0.51 7.95 3.79
CA ARG A 33 0.25 8.40 4.96
C ARG A 33 -0.12 7.61 6.23
N THR A 34 -1.38 7.68 6.61
CA THR A 34 -1.84 7.05 7.85
C THR A 34 -1.74 5.53 7.77
N CYS A 35 -2.11 4.96 6.61
CA CYS A 35 -2.08 3.51 6.42
C CYS A 35 -0.66 2.97 6.58
N TYR A 36 0.32 3.83 6.32
CA TYR A 36 1.72 3.50 6.55
C TYR A 36 1.95 3.16 8.01
N GLU A 37 1.46 4.03 8.89
CA GLU A 37 1.60 3.85 10.33
C GLU A 37 0.82 2.62 10.79
N GLU A 38 -0.41 2.48 10.29
CA GLU A 38 -1.29 1.38 10.68
C GLU A 38 -0.63 0.03 10.39
N MET A 39 -0.16 -0.13 9.15
CA MET A 39 0.48 -1.38 8.73
C MET A 39 1.77 -1.59 9.50
N LEU A 40 2.60 -0.54 9.53
CA LEU A 40 3.91 -0.60 10.19
C LEU A 40 3.77 -0.89 11.69
N LYS A 41 2.68 -0.42 12.27
CA LYS A 41 2.42 -0.62 13.70
C LYS A 41 2.28 -2.10 14.02
N GLU A 42 1.60 -2.82 13.13
CA GLU A 42 1.45 -4.27 13.26
C GLU A 42 2.75 -4.97 12.87
N GLY A 43 3.37 -4.48 11.79
CA GLY A 43 4.57 -5.13 11.27
C GLY A 43 4.30 -6.56 10.89
N TYR A 44 3.19 -6.78 10.20
CA TYR A 44 2.74 -8.11 9.84
C TYR A 44 3.05 -8.42 8.38
N ARG A 45 2.60 -9.58 7.91
CA ARG A 45 2.77 -9.99 6.53
C ARG A 45 2.16 -8.94 5.59
N CYS A 46 3.02 -8.23 4.86
CA CYS A 46 2.54 -7.22 3.91
C CYS A 46 1.74 -7.88 2.79
N PRO A 47 0.40 -7.73 2.80
CA PRO A 47 -0.49 -8.44 1.87
C PRO A 47 -0.19 -8.11 0.41
N LEU A 48 0.45 -6.96 0.18
CA LEU A 48 0.80 -6.53 -1.17
C LEU A 48 1.86 -7.45 -1.77
N CYS A 49 2.58 -8.18 -0.91
CA CYS A 49 3.54 -9.18 -1.36
C CYS A 49 2.81 -10.32 -2.09
N MET A 50 1.67 -10.74 -1.55
CA MET A 50 0.85 -11.77 -2.18
C MET A 50 -0.20 -11.12 -3.08
N HIS A 51 -0.24 -9.79 -3.06
CA HIS A 51 -1.20 -9.00 -3.83
C HIS A 51 -2.62 -9.24 -3.33
N SER A 52 -2.73 -9.84 -2.15
CA SER A 52 -4.01 -10.20 -1.52
C SER A 52 -4.99 -10.77 -2.56
N GLU A 1 -15.31 -4.67 -9.15
CA GLU A 1 -13.92 -4.77 -8.67
C GLU A 1 -12.96 -4.17 -9.69
N ASN A 2 -11.95 -3.46 -9.21
CA ASN A 2 -10.95 -2.81 -10.06
C ASN A 2 -9.59 -3.47 -9.85
N VAL A 3 -9.12 -4.20 -10.86
CA VAL A 3 -7.86 -4.93 -10.77
C VAL A 3 -6.79 -4.27 -11.64
N SER A 4 -7.17 -3.18 -12.30
CA SER A 4 -6.27 -2.47 -13.22
C SER A 4 -5.22 -1.66 -12.45
N GLN A 5 -5.55 -1.29 -11.22
CA GLN A 5 -4.67 -0.44 -10.41
C GLN A 5 -4.06 -1.23 -9.26
N GLN A 6 -3.13 -0.60 -8.56
CA GLN A 6 -2.53 -1.19 -7.37
C GLN A 6 -3.40 -0.85 -6.16
N ASN A 7 -4.24 -1.78 -5.75
CA ASN A 7 -5.20 -1.53 -4.69
C ASN A 7 -4.55 -1.64 -3.31
N CYS A 8 -4.96 -0.76 -2.40
CA CYS A 8 -4.50 -0.81 -1.02
C CYS A 8 -5.28 -1.87 -0.23
N PRO A 9 -4.63 -2.99 0.14
CA PRO A 9 -5.26 -4.04 0.95
C PRO A 9 -5.27 -3.68 2.43
N ILE A 10 -4.62 -2.56 2.76
CA ILE A 10 -4.50 -2.10 4.13
C ILE A 10 -5.85 -1.53 4.63
N CYS A 11 -6.72 -1.17 3.69
CA CYS A 11 -8.02 -0.60 4.05
C CYS A 11 -8.99 -0.64 2.86
N LEU A 12 -8.66 -1.47 1.85
CA LEU A 12 -9.43 -1.50 0.60
C LEU A 12 -9.63 -0.09 0.06
N GLU A 13 -8.58 0.43 -0.59
CA GLU A 13 -8.57 1.83 -1.03
C GLU A 13 -7.71 1.96 -2.29
N ASP A 14 -7.76 3.12 -2.91
CA ASP A 14 -7.04 3.40 -4.15
C ASP A 14 -5.58 3.77 -3.88
N ILE A 15 -4.68 3.22 -4.69
CA ILE A 15 -3.27 3.63 -4.68
C ILE A 15 -2.77 3.76 -6.12
N HIS A 16 -2.11 4.88 -6.40
CA HIS A 16 -1.55 5.13 -7.74
C HIS A 16 -0.03 5.25 -7.67
N THR A 17 0.60 5.45 -8.82
CA THR A 17 2.05 5.46 -8.94
C THR A 17 2.71 6.63 -8.17
N SER A 18 1.93 7.65 -7.82
CA SER A 18 2.46 8.83 -7.12
C SER A 18 3.08 8.44 -5.78
N ARG A 19 4.40 8.22 -5.79
CA ARG A 19 5.14 7.81 -4.60
C ARG A 19 5.45 9.01 -3.68
N VAL A 20 4.74 10.11 -3.89
CA VAL A 20 4.84 11.27 -3.02
C VAL A 20 3.84 11.14 -1.87
N VAL A 21 2.58 10.88 -2.23
CA VAL A 21 1.52 10.68 -1.24
C VAL A 21 1.51 9.23 -0.77
N ALA A 22 1.76 8.32 -1.70
CA ALA A 22 1.88 6.89 -1.38
C ALA A 22 3.28 6.60 -0.86
N HIS A 23 3.42 6.55 0.46
CA HIS A 23 4.69 6.31 1.11
C HIS A 23 5.23 4.93 0.70
N VAL A 24 6.52 4.87 0.39
CA VAL A 24 7.14 3.63 -0.06
C VAL A 24 7.67 2.81 1.11
N LEU A 25 7.23 1.56 1.21
CA LEU A 25 7.72 0.63 2.20
C LEU A 25 9.10 0.10 1.80
N PRO A 26 9.94 -0.28 2.79
CA PRO A 26 11.25 -0.89 2.51
C PRO A 26 11.14 -2.14 1.63
N CYS A 27 9.95 -2.75 1.62
CA CYS A 27 9.71 -3.99 0.86
C CYS A 27 9.11 -3.68 -0.52
N GLY A 28 9.15 -2.39 -0.91
CA GLY A 28 8.79 -2.01 -2.26
C GLY A 28 7.30 -1.81 -2.50
N HIS A 29 6.52 -1.70 -1.42
CA HIS A 29 5.08 -1.48 -1.55
C HIS A 29 4.74 -0.01 -1.34
N LEU A 30 3.61 0.42 -1.87
CA LEU A 30 3.14 1.77 -1.69
C LEU A 30 1.87 1.80 -0.86
N LEU A 31 1.76 2.80 0.00
CA LEU A 31 0.56 3.03 0.80
C LEU A 31 0.51 4.50 1.26
N HIS A 32 -0.68 5.09 1.26
CA HIS A 32 -0.85 6.48 1.70
C HIS A 32 -0.29 6.70 3.10
N ARG A 33 0.07 7.96 3.39
CA ARG A 33 0.75 8.37 4.62
C ARG A 33 0.30 7.58 5.86
N THR A 34 -0.95 7.78 6.26
CA THR A 34 -1.44 7.20 7.51
C THR A 34 -1.45 5.68 7.47
N CYS A 35 -1.76 5.12 6.30
CA CYS A 35 -1.82 3.66 6.14
C CYS A 35 -0.45 3.04 6.36
N TYR A 36 0.60 3.82 6.05
CA TYR A 36 1.97 3.38 6.30
C TYR A 36 2.16 3.08 7.78
N GLU A 37 1.73 4.03 8.61
CA GLU A 37 1.88 3.89 10.05
C GLU A 37 1.00 2.77 10.56
N GLU A 38 -0.22 2.68 10.03
CA GLU A 38 -1.17 1.65 10.44
C GLU A 38 -0.60 0.24 10.24
N MET A 39 -0.16 -0.06 9.03
CA MET A 39 0.37 -1.39 8.71
C MET A 39 1.60 -1.68 9.58
N LEU A 40 2.54 -0.73 9.59
CA LEU A 40 3.79 -0.87 10.33
C LEU A 40 3.51 -0.96 11.84
N LYS A 41 2.42 -0.33 12.26
CA LYS A 41 1.98 -0.35 13.66
C LYS A 41 1.63 -1.77 14.08
N GLU A 42 0.84 -2.44 13.24
CA GLU A 42 0.41 -3.81 13.51
C GLU A 42 1.55 -4.80 13.27
N GLY A 43 2.47 -4.42 12.38
CA GLY A 43 3.66 -5.22 12.11
C GLY A 43 3.33 -6.59 11.54
N TYR A 44 2.19 -6.71 10.87
CA TYR A 44 1.79 -7.97 10.26
C TYR A 44 2.45 -8.11 8.88
N ARG A 45 2.24 -9.25 8.24
CA ARG A 45 2.87 -9.53 6.95
C ARG A 45 2.28 -8.64 5.86
N CYS A 46 3.13 -7.98 5.08
CA CYS A 46 2.67 -7.07 4.04
C CYS A 46 1.82 -7.80 3.00
N PRO A 47 0.50 -7.56 2.99
CA PRO A 47 -0.45 -8.28 2.12
C PRO A 47 -0.22 -7.95 0.64
N LEU A 48 0.48 -6.84 0.37
CA LEU A 48 0.77 -6.44 -1.00
C LEU A 48 1.78 -7.41 -1.63
N CYS A 49 2.40 -8.23 -0.79
CA CYS A 49 3.28 -9.30 -1.27
C CYS A 49 2.45 -10.45 -1.85
N MET A 50 1.19 -10.52 -1.44
CA MET A 50 0.27 -11.55 -1.95
C MET A 50 -0.33 -11.08 -3.28
N HIS A 51 -0.83 -9.85 -3.27
CA HIS A 51 -1.29 -9.19 -4.50
C HIS A 51 -1.61 -7.73 -4.20
N SER A 52 -1.67 -6.90 -5.24
CA SER A 52 -1.99 -5.49 -5.09
C SER A 52 -2.52 -4.93 -6.41
N GLU A 1 -17.18 -3.85 -12.18
CA GLU A 1 -16.19 -4.19 -13.22
C GLU A 1 -14.79 -4.30 -12.60
N ASN A 2 -14.09 -5.39 -12.92
CA ASN A 2 -12.75 -5.60 -12.36
C ASN A 2 -11.72 -4.74 -13.11
N VAL A 3 -11.47 -3.56 -12.58
CA VAL A 3 -10.44 -2.68 -13.11
C VAL A 3 -9.16 -2.81 -12.29
N SER A 4 -8.15 -3.43 -12.90
CA SER A 4 -6.90 -3.71 -12.21
C SER A 4 -6.11 -2.42 -11.96
N GLN A 5 -6.49 -1.71 -10.91
CA GLN A 5 -5.77 -0.53 -10.45
C GLN A 5 -5.13 -0.84 -9.11
N GLN A 6 -4.03 -0.15 -8.80
CA GLN A 6 -3.31 -0.40 -7.57
C GLN A 6 -4.14 0.05 -6.36
N ASN A 7 -4.98 -0.84 -5.87
CA ASN A 7 -5.84 -0.54 -4.74
C ASN A 7 -5.14 -0.88 -3.42
N CYS A 8 -5.35 -0.04 -2.43
CA CYS A 8 -4.79 -0.25 -1.09
C CYS A 8 -5.53 -1.39 -0.37
N PRO A 9 -4.86 -2.55 -0.17
CA PRO A 9 -5.47 -3.70 0.52
C PRO A 9 -5.72 -3.39 1.99
N ILE A 10 -5.02 -2.38 2.49
CA ILE A 10 -5.05 -2.04 3.91
C ILE A 10 -6.40 -1.44 4.31
N CYS A 11 -7.18 -0.96 3.33
CA CYS A 11 -8.47 -0.33 3.61
C CYS A 11 -9.30 -0.15 2.33
N LEU A 12 -8.99 -0.93 1.31
CA LEU A 12 -9.75 -0.90 0.03
C LEU A 12 -9.80 0.50 -0.59
N GLU A 13 -8.78 1.32 -0.34
CA GLU A 13 -8.70 2.66 -0.94
C GLU A 13 -7.91 2.60 -2.25
N ASP A 14 -7.73 3.75 -2.87
CA ASP A 14 -6.91 3.84 -4.09
C ASP A 14 -5.46 4.16 -3.73
N ILE A 15 -4.56 3.71 -4.60
CA ILE A 15 -3.15 4.04 -4.52
C ILE A 15 -2.60 4.21 -5.92
N HIS A 16 -2.23 5.43 -6.27
CA HIS A 16 -1.76 5.72 -7.62
C HIS A 16 -0.24 5.55 -7.68
N THR A 17 0.26 5.19 -8.87
CA THR A 17 1.68 4.92 -9.09
C THR A 17 2.57 6.08 -8.62
N SER A 18 1.99 7.29 -8.60
CA SER A 18 2.70 8.47 -8.12
C SER A 18 3.02 8.33 -6.63
N ARG A 19 4.18 7.76 -6.34
CA ARG A 19 4.58 7.47 -4.96
C ARG A 19 5.08 8.72 -4.24
N VAL A 20 4.74 9.89 -4.77
CA VAL A 20 5.01 11.16 -4.09
C VAL A 20 4.05 11.32 -2.91
N VAL A 21 2.85 10.77 -3.05
CA VAL A 21 1.86 10.79 -1.97
C VAL A 21 1.82 9.45 -1.25
N ALA A 22 1.95 8.36 -2.01
CA ALA A 22 1.94 7.01 -1.46
C ALA A 22 3.32 6.64 -0.91
N HIS A 23 3.42 6.54 0.41
CA HIS A 23 4.68 6.19 1.07
C HIS A 23 5.12 4.79 0.66
N VAL A 24 6.38 4.63 0.31
CA VAL A 24 6.92 3.34 -0.09
C VAL A 24 7.51 2.60 1.10
N LEU A 25 6.99 1.40 1.34
CA LEU A 25 7.56 0.49 2.33
C LEU A 25 8.93 0.00 1.86
N PRO A 26 9.81 -0.41 2.79
CA PRO A 26 11.16 -0.88 2.42
C PRO A 26 11.10 -2.18 1.60
N CYS A 27 9.91 -2.79 1.57
CA CYS A 27 9.70 -4.04 0.84
C CYS A 27 9.00 -3.76 -0.51
N GLY A 28 8.98 -2.48 -0.90
CA GLY A 28 8.56 -2.11 -2.26
C GLY A 28 7.05 -1.98 -2.43
N HIS A 29 6.32 -1.85 -1.32
CA HIS A 29 4.86 -1.65 -1.39
C HIS A 29 4.51 -0.20 -1.14
N LEU A 30 3.36 0.25 -1.62
CA LEU A 30 2.92 1.62 -1.44
C LEU A 30 1.70 1.70 -0.52
N LEU A 31 1.64 2.76 0.28
CA LEU A 31 0.50 3.05 1.15
C LEU A 31 0.54 4.50 1.61
N HIS A 32 -0.64 5.07 1.89
CA HIS A 32 -0.72 6.45 2.38
C HIS A 32 -0.18 6.57 3.80
N ARG A 33 0.11 7.80 4.22
CA ARG A 33 0.75 8.08 5.52
C ARG A 33 0.07 7.34 6.68
N THR A 34 -1.23 7.58 6.84
CA THR A 34 -2.01 6.95 7.91
C THR A 34 -1.83 5.44 7.88
N CYS A 35 -2.16 4.86 6.74
CA CYS A 35 -2.06 3.42 6.52
C CYS A 35 -0.62 2.92 6.74
N TYR A 36 0.35 3.80 6.53
CA TYR A 36 1.75 3.45 6.76
C TYR A 36 1.99 3.20 8.25
N GLU A 37 1.52 4.14 9.07
CA GLU A 37 1.65 4.02 10.52
C GLU A 37 0.87 2.82 11.02
N GLU A 38 -0.35 2.65 10.51
CA GLU A 38 -1.21 1.53 10.87
C GLU A 38 -0.53 0.19 10.59
N MET A 39 -0.05 0.01 9.36
CA MET A 39 0.56 -1.24 8.94
C MET A 39 1.86 -1.49 9.71
N LEU A 40 2.73 -0.47 9.72
CA LEU A 40 4.03 -0.58 10.36
C LEU A 40 3.88 -0.80 11.87
N LYS A 41 2.79 -0.29 12.44
CA LYS A 41 2.46 -0.50 13.84
C LYS A 41 2.23 -1.98 14.11
N GLU A 42 1.37 -2.59 13.30
CA GLU A 42 1.00 -3.98 13.46
C GLU A 42 2.20 -4.89 13.17
N GLY A 43 3.02 -4.48 12.20
CA GLY A 43 4.23 -5.22 11.87
C GLY A 43 3.95 -6.62 11.35
N TYR A 44 2.75 -6.82 10.79
CA TYR A 44 2.35 -8.11 10.24
C TYR A 44 2.95 -8.31 8.86
N ARG A 45 2.96 -9.54 8.38
CA ARG A 45 3.53 -9.85 7.06
C ARG A 45 2.76 -9.09 5.98
N CYS A 46 3.50 -8.41 5.11
CA CYS A 46 2.92 -7.55 4.08
C CYS A 46 2.09 -8.35 3.07
N PRO A 47 0.75 -8.13 3.04
CA PRO A 47 -0.15 -8.85 2.14
C PRO A 47 0.08 -8.47 0.68
N LEU A 48 0.63 -7.27 0.45
CA LEU A 48 0.88 -6.77 -0.89
C LEU A 48 1.92 -7.63 -1.60
N CYS A 49 2.66 -8.43 -0.83
CA CYS A 49 3.63 -9.38 -1.39
C CYS A 49 2.90 -10.45 -2.22
N MET A 50 1.62 -10.64 -1.95
CA MET A 50 0.78 -11.57 -2.72
C MET A 50 -0.23 -10.80 -3.56
N HIS A 51 -0.03 -9.49 -3.70
CA HIS A 51 -0.94 -8.63 -4.45
C HIS A 51 -0.14 -7.62 -5.28
N SER A 52 0.13 -7.98 -6.52
CA SER A 52 0.91 -7.12 -7.41
C SER A 52 0.43 -7.30 -8.85
N GLU A 1 -10.64 -9.75 -12.60
CA GLU A 1 -10.21 -9.81 -14.01
C GLU A 1 -9.04 -8.85 -14.24
N ASN A 2 -8.34 -9.02 -15.36
CA ASN A 2 -7.18 -8.19 -15.69
C ASN A 2 -7.57 -6.72 -15.78
N VAL A 3 -7.51 -6.03 -14.66
CA VAL A 3 -7.74 -4.60 -14.60
C VAL A 3 -6.60 -3.94 -13.83
N SER A 4 -5.68 -3.34 -14.57
CA SER A 4 -4.49 -2.74 -13.98
C SER A 4 -4.84 -1.57 -13.08
N GLN A 5 -4.86 -1.81 -11.78
CA GLN A 5 -5.16 -0.78 -10.80
C GLN A 5 -4.58 -1.17 -9.44
N GLN A 6 -3.92 -0.22 -8.78
CA GLN A 6 -3.32 -0.46 -7.49
C GLN A 6 -4.28 -0.10 -6.37
N ASN A 7 -4.98 -1.10 -5.84
CA ASN A 7 -5.93 -0.89 -4.76
C ASN A 7 -5.27 -1.20 -3.42
N CYS A 8 -5.56 -0.35 -2.43
CA CYS A 8 -5.02 -0.51 -1.09
C CYS A 8 -5.77 -1.58 -0.32
N PRO A 9 -5.14 -2.73 -0.02
CA PRO A 9 -5.76 -3.80 0.77
C PRO A 9 -5.88 -3.41 2.24
N ILE A 10 -5.17 -2.36 2.63
CA ILE A 10 -5.15 -1.89 4.02
C ILE A 10 -6.48 -1.27 4.42
N CYS A 11 -7.30 -0.87 3.43
CA CYS A 11 -8.60 -0.24 3.72
C CYS A 11 -9.46 -0.13 2.47
N LEU A 12 -9.16 -0.94 1.45
CA LEU A 12 -9.88 -0.91 0.17
C LEU A 12 -10.00 0.54 -0.34
N GLU A 13 -8.88 1.09 -0.81
CA GLU A 13 -8.81 2.50 -1.20
C GLU A 13 -7.84 2.70 -2.37
N ASP A 14 -7.66 3.96 -2.75
CA ASP A 14 -6.81 4.32 -3.90
C ASP A 14 -5.33 4.28 -3.56
N ILE A 15 -4.54 3.76 -4.50
CA ILE A 15 -3.09 3.82 -4.44
C ILE A 15 -2.53 3.97 -5.86
N HIS A 16 -1.51 4.79 -6.03
CA HIS A 16 -0.84 4.96 -7.31
C HIS A 16 0.65 5.20 -7.11
N THR A 17 1.39 5.23 -8.21
CA THR A 17 2.85 5.31 -8.20
C THR A 17 3.37 6.57 -7.49
N SER A 18 2.55 7.61 -7.45
CA SER A 18 2.93 8.87 -6.81
C SER A 18 3.35 8.63 -5.35
N ARG A 19 4.66 8.57 -5.13
CA ARG A 19 5.23 8.24 -3.83
C ARG A 19 4.94 9.33 -2.80
N VAL A 20 4.73 10.56 -3.25
CA VAL A 20 4.42 11.67 -2.34
C VAL A 20 3.17 11.35 -1.52
N VAL A 21 2.26 10.59 -2.12
CA VAL A 21 1.04 10.15 -1.46
C VAL A 21 1.23 8.74 -0.90
N ALA A 22 1.73 7.85 -1.75
CA ALA A 22 1.92 6.45 -1.38
C ALA A 22 3.35 6.20 -0.89
N HIS A 23 3.51 6.08 0.42
CA HIS A 23 4.81 5.81 1.04
C HIS A 23 5.29 4.42 0.64
N VAL A 24 6.60 4.30 0.36
CA VAL A 24 7.18 3.04 -0.06
C VAL A 24 7.61 2.20 1.14
N LEU A 25 7.04 1.00 1.25
CA LEU A 25 7.47 0.03 2.26
C LEU A 25 8.83 -0.58 1.88
N PRO A 26 9.63 -1.02 2.87
CA PRO A 26 10.97 -1.59 2.63
C PRO A 26 10.95 -2.90 1.82
N CYS A 27 9.77 -3.33 1.42
CA CYS A 27 9.59 -4.55 0.63
C CYS A 27 9.04 -4.23 -0.76
N GLY A 28 8.89 -2.93 -1.06
CA GLY A 28 8.50 -2.50 -2.39
C GLY A 28 7.00 -2.36 -2.57
N HIS A 29 6.27 -2.14 -1.48
CA HIS A 29 4.83 -1.88 -1.56
C HIS A 29 4.54 -0.41 -1.37
N LEU A 30 3.41 0.04 -1.89
CA LEU A 30 2.97 1.42 -1.75
C LEU A 30 1.70 1.48 -0.88
N LEU A 31 1.61 2.51 -0.06
CA LEU A 31 0.41 2.78 0.74
C LEU A 31 0.39 4.25 1.15
N HIS A 32 -0.79 4.87 1.12
CA HIS A 32 -0.92 6.29 1.49
C HIS A 32 -0.35 6.55 2.89
N ARG A 33 0.04 7.79 3.11
CA ARG A 33 0.82 8.22 4.28
C ARG A 33 0.33 7.59 5.60
N THR A 34 -0.92 7.86 5.94
CA THR A 34 -1.47 7.41 7.23
C THR A 34 -1.58 5.89 7.28
N CYS A 35 -1.96 5.27 6.16
CA CYS A 35 -2.08 3.81 6.09
C CYS A 35 -0.73 3.15 6.36
N TYR A 36 0.35 3.87 6.03
CA TYR A 36 1.71 3.41 6.32
C TYR A 36 1.89 3.22 7.81
N GLU A 37 1.47 4.21 8.58
CA GLU A 37 1.58 4.19 10.03
C GLU A 37 0.78 3.01 10.60
N GLU A 38 -0.44 2.85 10.11
CA GLU A 38 -1.35 1.81 10.58
C GLU A 38 -0.81 0.41 10.31
N MET A 39 -0.22 0.23 9.14
CA MET A 39 0.35 -1.06 8.76
C MET A 39 1.61 -1.33 9.55
N LEU A 40 2.52 -0.35 9.53
CA LEU A 40 3.80 -0.44 10.25
C LEU A 40 3.57 -0.63 11.75
N LYS A 41 2.43 -0.11 12.22
CA LYS A 41 2.03 -0.25 13.63
C LYS A 41 2.14 -1.72 14.06
N GLU A 42 1.76 -2.62 13.16
CA GLU A 42 1.86 -4.05 13.40
C GLU A 42 3.18 -4.62 12.88
N GLY A 43 3.61 -4.12 11.73
CA GLY A 43 4.85 -4.59 11.13
C GLY A 43 4.79 -6.06 10.75
N TYR A 44 3.57 -6.58 10.61
CA TYR A 44 3.35 -7.99 10.29
C TYR A 44 3.74 -8.30 8.83
N ARG A 45 3.45 -9.52 8.40
CA ARG A 45 3.67 -9.92 7.02
C ARG A 45 2.84 -9.04 6.09
N CYS A 46 3.44 -8.60 5.00
CA CYS A 46 2.83 -7.62 4.12
C CYS A 46 1.83 -8.25 3.16
N PRO A 47 0.52 -8.00 3.37
CA PRO A 47 -0.54 -8.57 2.53
C PRO A 47 -0.42 -8.11 1.06
N LEU A 48 0.28 -6.99 0.85
CA LEU A 48 0.43 -6.43 -0.48
C LEU A 48 1.35 -7.31 -1.33
N CYS A 49 2.05 -8.26 -0.68
CA CYS A 49 2.90 -9.22 -1.40
C CYS A 49 2.06 -10.11 -2.31
N MET A 50 0.74 -10.06 -2.10
CA MET A 50 -0.21 -10.79 -2.92
C MET A 50 -0.48 -10.03 -4.23
N HIS A 51 -0.36 -8.70 -4.18
CA HIS A 51 -0.67 -7.84 -5.33
C HIS A 51 0.14 -6.54 -5.27
N SER A 52 1.19 -6.46 -6.08
CA SER A 52 2.00 -5.25 -6.21
C SER A 52 2.62 -5.18 -7.60
N GLU A 1 -6.25 -0.88 -24.06
CA GLU A 1 -5.42 -0.98 -22.85
C GLU A 1 -6.25 -1.48 -21.68
N ASN A 2 -5.60 -2.12 -20.71
CA ASN A 2 -6.30 -2.67 -19.55
C ASN A 2 -6.35 -1.65 -18.41
N VAL A 3 -7.49 -1.60 -17.73
CA VAL A 3 -7.67 -0.72 -16.59
C VAL A 3 -6.96 -1.31 -15.37
N SER A 4 -5.65 -1.15 -15.31
CA SER A 4 -4.83 -1.69 -14.25
C SER A 4 -4.41 -0.60 -13.27
N GLN A 5 -5.02 -0.59 -12.09
CA GLN A 5 -4.68 0.37 -11.03
C GLN A 5 -4.51 -0.36 -9.70
N GLN A 6 -3.44 -0.04 -8.99
CA GLN A 6 -3.15 -0.69 -7.71
C GLN A 6 -4.15 -0.25 -6.64
N ASN A 7 -4.47 -1.16 -5.74
CA ASN A 7 -5.37 -0.87 -4.62
C ASN A 7 -4.65 -1.03 -3.29
N CYS A 8 -5.15 -0.35 -2.28
CA CYS A 8 -4.63 -0.46 -0.93
C CYS A 8 -5.38 -1.55 -0.16
N PRO A 9 -4.73 -2.69 0.13
CA PRO A 9 -5.37 -3.80 0.87
C PRO A 9 -5.73 -3.39 2.30
N ILE A 10 -5.00 -2.41 2.81
CA ILE A 10 -5.11 -1.99 4.20
C ILE A 10 -6.51 -1.44 4.51
N CYS A 11 -7.17 -0.88 3.49
CA CYS A 11 -8.51 -0.29 3.69
C CYS A 11 -9.31 -0.27 2.38
N LEU A 12 -8.81 -0.98 1.38
CA LEU A 12 -9.44 -1.01 0.04
C LEU A 12 -9.67 0.39 -0.51
N GLU A 13 -8.61 1.00 -1.04
CA GLU A 13 -8.63 2.36 -1.56
C GLU A 13 -7.72 2.48 -2.78
N ASP A 14 -7.86 3.59 -3.50
CA ASP A 14 -7.11 3.82 -4.73
C ASP A 14 -5.64 4.16 -4.45
N ILE A 15 -4.73 3.49 -5.16
CA ILE A 15 -3.30 3.77 -5.08
C ILE A 15 -2.69 3.75 -6.49
N HIS A 16 -2.00 4.83 -6.85
CA HIS A 16 -1.40 4.95 -8.19
C HIS A 16 0.12 5.02 -8.11
N THR A 17 0.75 5.29 -9.24
CA THR A 17 2.21 5.32 -9.38
C THR A 17 2.85 6.41 -8.48
N SER A 18 2.05 7.37 -8.01
CA SER A 18 2.56 8.47 -7.20
C SER A 18 3.22 7.94 -5.92
N ARG A 19 4.54 7.86 -5.94
CA ARG A 19 5.31 7.42 -4.78
C ARG A 19 5.66 8.62 -3.88
N VAL A 20 5.26 9.81 -4.32
CA VAL A 20 5.51 11.03 -3.57
C VAL A 20 4.35 11.32 -2.61
N VAL A 21 3.12 11.04 -3.07
CA VAL A 21 1.95 11.18 -2.22
C VAL A 21 1.88 10.02 -1.24
N ALA A 22 1.92 8.80 -1.77
CA ALA A 22 1.88 7.59 -0.96
C ALA A 22 3.30 7.22 -0.53
N HIS A 23 3.45 6.83 0.73
CA HIS A 23 4.74 6.45 1.27
C HIS A 23 5.14 5.07 0.73
N VAL A 24 6.38 4.95 0.29
CA VAL A 24 6.87 3.69 -0.29
C VAL A 24 7.60 2.86 0.76
N LEU A 25 7.12 1.64 0.97
CA LEU A 25 7.76 0.69 1.88
C LEU A 25 9.07 0.19 1.28
N PRO A 26 10.01 -0.28 2.12
CA PRO A 26 11.31 -0.81 1.65
C PRO A 26 11.13 -2.09 0.83
N CYS A 27 9.94 -2.70 0.95
CA CYS A 27 9.62 -3.93 0.22
C CYS A 27 8.91 -3.60 -1.10
N GLY A 28 8.88 -2.31 -1.44
CA GLY A 28 8.40 -1.89 -2.74
C GLY A 28 6.89 -1.76 -2.83
N HIS A 29 6.23 -1.56 -1.69
CA HIS A 29 4.78 -1.33 -1.69
C HIS A 29 4.47 0.15 -1.46
N LEU A 30 3.31 0.59 -1.91
CA LEU A 30 2.86 1.95 -1.70
C LEU A 30 1.64 1.97 -0.78
N LEU A 31 1.62 2.92 0.14
CA LEU A 31 0.48 3.14 1.04
C LEU A 31 0.48 4.58 1.55
N HIS A 32 -0.69 5.12 1.82
CA HIS A 32 -0.82 6.49 2.32
C HIS A 32 -0.26 6.61 3.74
N ARG A 33 -0.13 7.84 4.20
CA ARG A 33 0.61 8.16 5.43
C ARG A 33 0.11 7.35 6.64
N THR A 34 -1.17 7.52 6.99
CA THR A 34 -1.73 6.83 8.15
C THR A 34 -1.67 5.32 7.96
N CYS A 35 -2.02 4.86 6.77
CA CYS A 35 -2.04 3.43 6.47
C CYS A 35 -0.65 2.82 6.61
N TYR A 36 0.39 3.63 6.43
CA TYR A 36 1.76 3.20 6.68
C TYR A 36 1.92 2.84 8.14
N GLU A 37 1.47 3.74 9.00
CA GLU A 37 1.55 3.55 10.44
C GLU A 37 0.78 2.29 10.85
N GLU A 38 -0.44 2.16 10.32
CA GLU A 38 -1.33 1.06 10.67
C GLU A 38 -0.68 -0.30 10.43
N MET A 39 -0.24 -0.54 9.20
CA MET A 39 0.31 -1.85 8.83
C MET A 39 1.60 -2.13 9.61
N LEU A 40 2.47 -1.13 9.63
CA LEU A 40 3.78 -1.26 10.28
C LEU A 40 3.62 -1.43 11.80
N LYS A 41 2.54 -0.86 12.34
CA LYS A 41 2.27 -0.94 13.78
C LYS A 41 1.98 -2.38 14.19
N GLU A 42 1.16 -3.05 13.41
CA GLU A 42 0.76 -4.42 13.71
C GLU A 42 1.96 -5.37 13.61
N GLY A 43 2.96 -4.95 12.83
CA GLY A 43 4.19 -5.71 12.71
C GLY A 43 3.98 -7.08 12.10
N TYR A 44 3.18 -7.14 11.06
CA TYR A 44 2.89 -8.40 10.37
C TYR A 44 3.36 -8.32 8.93
N ARG A 45 3.53 -9.48 8.31
CA ARG A 45 3.98 -9.56 6.91
C ARG A 45 3.06 -8.75 5.99
N CYS A 46 3.67 -8.03 5.06
CA CYS A 46 2.97 -7.06 4.23
C CYS A 46 1.91 -7.72 3.32
N PRO A 47 0.62 -7.39 3.53
CA PRO A 47 -0.49 -7.96 2.74
C PRO A 47 -0.44 -7.51 1.28
N LEU A 48 0.38 -6.52 0.98
CA LEU A 48 0.52 -6.03 -0.39
C LEU A 48 1.43 -6.95 -1.20
N CYS A 49 2.06 -7.92 -0.51
CA CYS A 49 2.90 -8.91 -1.18
C CYS A 49 2.03 -9.93 -1.92
N MET A 50 1.01 -10.45 -1.23
CA MET A 50 0.08 -11.40 -1.84
C MET A 50 -1.11 -10.65 -2.45
N HIS A 51 -1.29 -9.40 -2.03
CA HIS A 51 -2.33 -8.51 -2.57
C HIS A 51 -3.74 -9.03 -2.26
N SER A 52 -4.52 -8.21 -1.57
CA SER A 52 -5.91 -8.51 -1.29
C SER A 52 -6.73 -7.22 -1.20
#